data_4OA7
#
_entry.id   4OA7
#
_cell.length_a   107.936
_cell.length_b   107.936
_cell.length_c   121.921
_cell.angle_alpha   90.00
_cell.angle_beta   90.00
_cell.angle_gamma   120.00
#
_symmetry.space_group_name_H-M   'P 62'
#
loop_
_entity.id
_entity.type
_entity.pdbx_description
1 polymer Tankyrase-1
2 non-polymer 'ZINC ION'
3 non-polymer 4-[(3aR,4R,7S,7aS)-1,3-dioxo-1,3,3a,4,7,7a-hexahydro-2H-4,7-methanoisoindol-2-yl]-N-(quinolin-8-yl)benzamide
4 water water
#
_entity_poly.entity_id   1
_entity_poly.type   'polypeptide(L)'
_entity_poly.pdbx_seq_one_letter_code
;GPHMASGTILLDLAPEDKEYQSVEEEMQSTIREHRDGGNAGGIFNRYNVIRIQKVVNKKLRERFCHRQKEVSEENHNHHN
ERMLFHGSPFINAIIHKGFDERHAYIGGMFGAGIYFAENSSKSNQYVYGIGGGTGCPTHKDRSCYICHRQMLFCRVTLGK
SFLQFSTMKMAHAPPGHHSVIGRPSVNGLAYAEYVIYRGEQAYPEYLITYQIMKP
;
_entity_poly.pdbx_strand_id   A,B,C,D
#
# COMPACT_ATOMS: atom_id res chain seq x y z
N ALA A 5 -14.72 17.22 10.66
CA ALA A 5 -16.02 17.88 10.64
C ALA A 5 -17.14 16.89 10.36
N SER A 6 -18.37 17.37 10.40
CA SER A 6 -19.52 16.52 10.15
C SER A 6 -19.97 16.59 8.69
N GLY A 7 -20.26 15.44 8.11
CA GLY A 7 -20.82 15.40 6.77
C GLY A 7 -22.32 15.15 6.85
N THR A 8 -22.92 15.55 7.97
CA THR A 8 -24.34 15.25 8.22
C THR A 8 -25.29 16.30 7.64
N ILE A 9 -26.29 15.81 6.93
CA ILE A 9 -27.33 16.66 6.37
C ILE A 9 -28.67 16.15 6.89
N LEU A 10 -29.48 17.06 7.42
CA LEU A 10 -30.80 16.67 7.87
C LEU A 10 -31.83 16.96 6.76
N LEU A 11 -32.54 15.92 6.34
CA LEU A 11 -33.59 16.05 5.36
C LEU A 11 -34.95 16.04 6.07
N ASP A 12 -35.76 17.07 5.84
CA ASP A 12 -37.08 17.19 6.46
C ASP A 12 -38.12 16.35 5.72
N LEU A 13 -38.80 15.47 6.45
CA LEU A 13 -39.91 14.71 5.86
C LEU A 13 -41.22 15.47 6.01
N ALA A 14 -41.90 15.70 4.90
CA ALA A 14 -43.21 16.32 4.95
C ALA A 14 -44.18 15.34 5.61
N PRO A 15 -45.11 15.86 6.44
CA PRO A 15 -46.07 14.97 7.11
C PRO A 15 -46.91 14.14 6.13
N GLU A 16 -47.13 14.66 4.92
CA GLU A 16 -47.88 13.94 3.90
C GLU A 16 -47.06 12.82 3.24
N ASP A 17 -45.77 12.76 3.57
CA ASP A 17 -44.90 11.67 3.08
C ASP A 17 -45.32 10.35 3.71
N LYS A 18 -45.22 9.28 2.93
CA LYS A 18 -45.53 7.96 3.43
C LYS A 18 -44.47 7.53 4.43
N GLU A 19 -43.22 7.90 4.16
CA GLU A 19 -42.12 7.54 5.06
C GLU A 19 -42.32 8.20 6.41
N TYR A 20 -42.73 9.47 6.39
CA TYR A 20 -43.10 10.18 7.60
C TYR A 20 -44.16 9.38 8.37
N GLN A 21 -45.13 8.85 7.64
CA GLN A 21 -46.25 8.12 8.25
C GLN A 21 -45.86 6.76 8.82
N SER A 22 -45.02 6.01 8.12
CA SER A 22 -44.54 4.73 8.64
C SER A 22 -43.79 4.91 9.96
N VAL A 23 -42.91 5.91 10.01
CA VAL A 23 -42.12 6.17 11.20
C VAL A 23 -43.00 6.52 12.41
N GLU A 24 -43.94 7.45 12.23
CA GLU A 24 -44.81 7.85 13.34
C GLU A 24 -45.71 6.69 13.78
N GLU A 25 -46.20 5.93 12.81
CA GLU A 25 -46.99 4.73 13.09
C GLU A 25 -46.21 3.79 14.00
N GLU A 26 -44.97 3.49 13.64
CA GLU A 26 -44.11 2.66 14.47
C GLU A 26 -43.93 3.25 15.87
N MET A 27 -43.77 4.57 15.93
CA MET A 27 -43.54 5.24 17.20
C MET A 27 -44.79 5.24 18.10
N GLN A 28 -45.95 5.51 17.49
CA GLN A 28 -47.21 5.51 18.23
C GLN A 28 -47.64 4.10 18.65
N SER A 29 -47.54 3.14 17.73
CA SER A 29 -48.06 1.80 17.99
C SER A 29 -47.22 0.97 18.95
N THR A 30 -46.01 1.42 19.27
CA THR A 30 -45.16 0.66 20.19
C THR A 30 -45.07 1.28 21.58
N ILE A 31 -45.94 2.25 21.85
CA ILE A 31 -46.11 2.78 23.20
C ILE A 31 -46.67 1.68 24.10
N ARG A 32 -46.09 1.53 25.29
CA ARG A 32 -46.58 0.55 26.26
C ARG A 32 -46.65 1.19 27.65
N GLU A 33 -47.44 0.59 28.53
CA GLU A 33 -47.44 0.99 29.93
C GLU A 33 -46.24 0.31 30.61
N HIS A 34 -45.48 1.07 31.39
CA HIS A 34 -44.30 0.55 32.05
C HIS A 34 -44.51 0.36 33.54
N ARG A 35 -43.64 -0.44 34.17
CA ARG A 35 -43.82 -0.81 35.56
C ARG A 35 -43.76 0.37 36.53
N ASP A 36 -43.07 1.43 36.14
CA ASP A 36 -42.86 2.56 37.05
C ASP A 36 -44.05 3.52 37.14
N GLY A 37 -45.14 3.18 36.45
CA GLY A 37 -46.32 4.03 36.46
C GLY A 37 -46.07 5.36 35.79
N GLY A 38 -45.22 5.34 34.77
CA GLY A 38 -44.92 6.54 34.00
C GLY A 38 -43.94 7.48 34.69
N ASN A 39 -43.33 7.02 35.78
CA ASN A 39 -42.40 7.85 36.54
C ASN A 39 -41.22 8.40 35.72
N ALA A 40 -40.59 7.54 34.94
CA ALA A 40 -39.37 7.91 34.21
C ALA A 40 -39.66 8.67 32.92
N GLY A 41 -40.59 8.16 32.11
CA GLY A 41 -40.87 8.73 30.80
C GLY A 41 -42.05 9.68 30.78
N GLY A 42 -42.89 9.63 31.81
CA GLY A 42 -44.07 10.47 31.88
C GLY A 42 -45.36 9.69 31.68
N ILE A 43 -46.49 10.38 31.74
CA ILE A 43 -47.79 9.72 31.56
C ILE A 43 -48.50 10.18 30.30
N PHE A 44 -48.76 9.23 29.40
CA PHE A 44 -49.28 9.54 28.07
C PHE A 44 -49.67 8.27 27.32
N ASN A 45 -50.61 8.39 26.41
CA ASN A 45 -50.99 7.29 25.53
C ASN A 45 -50.52 7.59 24.12
N ARG A 46 -50.11 8.83 23.91
CA ARG A 46 -49.74 9.26 22.56
C ARG A 46 -48.69 10.36 22.57
N TYR A 47 -47.93 10.42 21.49
CA TYR A 47 -47.02 11.51 21.27
C TYR A 47 -47.67 12.56 20.36
N ASN A 48 -47.16 13.78 20.44
CA ASN A 48 -47.38 14.74 19.39
C ASN A 48 -46.07 14.91 18.65
N VAL A 49 -46.04 14.45 17.40
CA VAL A 49 -44.81 14.49 16.62
C VAL A 49 -44.69 15.82 15.88
N ILE A 50 -43.61 16.53 16.16
CA ILE A 50 -43.40 17.86 15.61
C ILE A 50 -42.61 17.76 14.31
N ARG A 51 -41.62 16.88 14.29
CA ARG A 51 -40.72 16.81 13.16
C ARG A 51 -40.11 15.42 13.05
N ILE A 52 -39.93 14.98 11.81
CA ILE A 52 -39.18 13.75 11.52
C ILE A 52 -38.21 13.99 10.35
N GLN A 53 -36.92 13.85 10.65
CA GLN A 53 -35.88 14.11 9.65
C GLN A 53 -35.02 12.89 9.36
N LYS A 54 -34.71 12.70 8.07
CA LYS A 54 -33.72 11.69 7.67
C LYS A 54 -32.29 12.22 7.80
N VAL A 55 -31.48 11.50 8.57
CA VAL A 55 -30.07 11.81 8.71
C VAL A 55 -29.29 11.25 7.53
N VAL A 56 -28.67 12.15 6.76
CA VAL A 56 -27.84 11.76 5.64
C VAL A 56 -26.38 12.10 5.90
N ASN A 57 -25.55 11.07 5.91
CA ASN A 57 -24.13 11.19 6.18
C ASN A 57 -23.41 10.03 5.48
N LYS A 58 -22.64 10.34 4.45
CA LYS A 58 -22.04 9.31 3.61
C LYS A 58 -21.00 8.43 4.31
N LYS A 59 -20.03 9.05 4.97
CA LYS A 59 -18.97 8.29 5.65
C LYS A 59 -19.58 7.42 6.74
N LEU A 60 -20.58 7.96 7.42
CA LEU A 60 -21.28 7.21 8.45
C LEU A 60 -21.99 6.01 7.82
N ARG A 61 -22.65 6.23 6.69
CA ARG A 61 -23.37 5.17 5.99
C ARG A 61 -22.43 4.04 5.60
N GLU A 62 -21.25 4.41 5.11
CA GLU A 62 -20.25 3.43 4.68
C GLU A 62 -19.70 2.64 5.86
N ARG A 63 -19.46 3.31 6.98
CA ARG A 63 -19.02 2.64 8.18
C ARG A 63 -20.04 1.60 8.63
N PHE A 64 -21.32 1.94 8.46
CA PHE A 64 -22.40 1.03 8.81
C PHE A 64 -22.42 -0.15 7.85
N CYS A 65 -22.33 0.15 6.55
CA CYS A 65 -22.38 -0.87 5.52
C CYS A 65 -21.20 -1.83 5.60
N HIS A 66 -20.02 -1.29 5.91
CA HIS A 66 -18.82 -2.12 6.02
C HIS A 66 -18.92 -3.12 7.18
N ARG A 67 -19.46 -2.67 8.31
CA ARG A 67 -19.59 -3.52 9.48
C ARG A 67 -20.67 -4.58 9.27
N GLN A 68 -21.82 -4.14 8.76
CA GLN A 68 -22.92 -5.02 8.45
C GLN A 68 -22.43 -6.14 7.52
N LYS A 69 -21.59 -5.78 6.55
CA LYS A 69 -20.99 -6.76 5.64
C LYS A 69 -20.18 -7.79 6.42
N GLU A 70 -19.36 -7.32 7.35
CA GLU A 70 -18.54 -8.20 8.19
C GLU A 70 -19.39 -9.10 9.09
N VAL A 71 -20.39 -8.53 9.75
CA VAL A 71 -21.28 -9.31 10.61
C VAL A 71 -21.95 -10.42 9.81
N SER A 72 -22.41 -10.06 8.62
CA SER A 72 -23.07 -10.99 7.70
C SER A 72 -22.25 -12.26 7.46
N GLU A 73 -21.02 -12.10 7.00
CA GLU A 73 -20.16 -13.25 6.75
C GLU A 73 -19.76 -13.98 8.03
N GLU A 74 -19.93 -13.33 9.18
CA GLU A 74 -19.65 -13.95 10.46
C GLU A 74 -20.83 -14.78 10.93
N ASN A 75 -21.99 -14.50 10.34
CA ASN A 75 -23.23 -15.07 10.82
C ASN A 75 -24.09 -15.64 9.70
N HIS A 76 -23.48 -16.49 8.88
CA HIS A 76 -24.15 -17.18 7.78
C HIS A 76 -24.99 -16.25 6.93
N ASN A 77 -24.43 -15.10 6.60
CA ASN A 77 -25.05 -14.12 5.72
C ASN A 77 -26.35 -13.54 6.26
N HIS A 78 -26.49 -13.58 7.58
CA HIS A 78 -27.59 -12.91 8.25
C HIS A 78 -27.02 -11.79 9.10
N HIS A 79 -27.40 -10.55 8.80
CA HIS A 79 -26.96 -9.44 9.63
C HIS A 79 -27.98 -9.10 10.69
N ASN A 80 -29.19 -9.66 10.55
CA ASN A 80 -30.26 -9.49 11.52
C ASN A 80 -30.52 -8.02 11.82
N GLU A 81 -30.92 -7.28 10.80
CA GLU A 81 -31.19 -5.86 10.96
C GLU A 81 -32.60 -5.65 11.53
N ARG A 82 -32.69 -4.75 12.50
CA ARG A 82 -33.97 -4.37 13.07
C ARG A 82 -34.04 -2.85 13.16
N MET A 83 -35.23 -2.31 12.94
CA MET A 83 -35.46 -0.88 13.19
C MET A 83 -35.77 -0.70 14.68
N LEU A 84 -34.91 0.03 15.38
CA LEU A 84 -35.03 0.17 16.82
C LEU A 84 -34.94 1.62 17.29
N PHE A 85 -35.54 1.91 18.43
CA PHE A 85 -35.53 3.26 18.99
C PHE A 85 -34.35 3.48 19.93
N HIS A 86 -33.82 4.70 19.94
CA HIS A 86 -32.80 5.09 20.91
C HIS A 86 -33.18 6.38 21.61
N GLY A 87 -32.93 6.42 22.92
CA GLY A 87 -33.11 7.61 23.72
C GLY A 87 -31.92 7.83 24.63
N SER A 88 -31.48 9.09 24.73
CA SER A 88 -30.37 9.50 25.59
C SER A 88 -30.19 11.01 25.45
N PRO A 89 -29.46 11.63 26.40
CA PRO A 89 -29.17 13.06 26.32
C PRO A 89 -28.23 13.45 25.17
N PHE A 90 -27.77 12.48 24.39
CA PHE A 90 -26.69 12.78 23.45
C PHE A 90 -27.08 12.68 21.97
N ILE A 91 -28.36 12.87 21.70
CA ILE A 91 -28.88 12.73 20.35
C ILE A 91 -28.14 13.61 19.35
N ASN A 92 -27.98 14.89 19.69
CA ASN A 92 -27.32 15.84 18.79
C ASN A 92 -25.90 15.41 18.40
N ALA A 93 -25.16 14.90 19.36
CA ALA A 93 -23.83 14.38 19.08
C ALA A 93 -23.88 13.19 18.11
N ILE A 94 -24.90 12.36 18.26
CA ILE A 94 -24.97 11.09 17.55
C ILE A 94 -25.29 11.29 16.07
N ILE A 95 -26.24 12.17 15.78
CA ILE A 95 -26.57 12.50 14.41
C ILE A 95 -25.39 13.17 13.70
N HIS A 96 -24.45 13.73 14.46
CA HIS A 96 -23.28 14.34 13.85
C HIS A 96 -22.07 13.40 13.71
N LYS A 97 -21.78 12.64 14.76
CA LYS A 97 -20.59 11.77 14.75
C LYS A 97 -20.92 10.30 14.61
N GLY A 98 -22.16 9.92 14.88
CA GLY A 98 -22.55 8.53 14.88
C GLY A 98 -22.49 7.98 16.29
N PHE A 99 -23.14 6.85 16.52
CA PHE A 99 -23.03 6.15 17.81
C PHE A 99 -21.58 5.79 18.10
N ASP A 100 -21.14 6.06 19.32
CA ASP A 100 -19.76 5.75 19.70
C ASP A 100 -19.76 5.01 21.03
N GLU A 101 -19.18 3.81 21.03
CA GLU A 101 -19.12 2.97 22.23
C GLU A 101 -18.18 3.56 23.27
N ARG A 102 -17.22 4.35 22.80
CA ARG A 102 -16.30 5.02 23.71
C ARG A 102 -17.06 6.03 24.59
N HIS A 103 -18.28 6.37 24.18
CA HIS A 103 -19.15 7.28 24.92
C HIS A 103 -20.16 6.57 25.81
N ALA A 104 -20.10 5.24 25.86
CA ALA A 104 -20.99 4.49 26.73
C ALA A 104 -20.60 4.68 28.19
N TYR A 105 -21.58 4.93 29.05
CA TYR A 105 -21.33 5.09 30.48
C TYR A 105 -22.26 4.20 31.32
N ILE A 106 -22.03 4.20 32.63
CA ILE A 106 -22.79 3.36 33.55
C ILE A 106 -24.03 4.10 34.07
N MET A 109 -26.56 0.91 34.42
CA MET A 109 -27.52 0.22 33.57
C MET A 109 -27.34 -1.30 33.63
N PHE A 110 -27.05 -1.89 32.47
CA PHE A 110 -26.85 -3.34 32.39
C PHE A 110 -25.59 -3.67 31.58
N GLY A 111 -24.69 -2.69 31.46
CA GLY A 111 -23.45 -2.86 30.73
C GLY A 111 -22.92 -1.56 30.15
N ALA A 112 -21.74 -1.62 29.55
CA ALA A 112 -21.14 -0.45 28.93
C ALA A 112 -21.31 -0.52 27.42
N GLY A 113 -22.56 -0.38 26.97
CA GLY A 113 -22.86 -0.47 25.55
C GLY A 113 -23.90 0.55 25.10
N ILE A 114 -24.44 0.33 23.90
CA ILE A 114 -25.41 1.26 23.34
C ILE A 114 -26.80 0.61 23.30
N TYR A 115 -27.77 1.29 23.88
CA TYR A 115 -29.06 0.67 24.19
C TYR A 115 -30.16 1.07 23.24
N PHE A 116 -30.92 0.07 22.80
CA PHE A 116 -32.02 0.28 21.87
C PHE A 116 -33.25 -0.46 22.37
N ALA A 117 -34.43 0.07 22.02
CA ALA A 117 -35.70 -0.54 22.41
C ALA A 117 -36.60 -0.66 21.20
N GLU A 118 -37.40 -1.73 21.17
CA GLU A 118 -38.41 -1.90 20.13
C GLU A 118 -39.67 -1.08 20.47
N ASN A 119 -39.83 -0.78 21.74
CA ASN A 119 -40.89 0.11 22.19
C ASN A 119 -40.38 1.53 22.36
N SER A 120 -40.93 2.46 21.59
CA SER A 120 -40.51 3.86 21.65
C SER A 120 -40.62 4.42 23.06
N SER A 121 -41.67 4.03 23.77
CA SER A 121 -41.90 4.52 25.12
C SER A 121 -40.81 4.12 26.11
N LYS A 122 -40.11 3.02 25.83
CA LYS A 122 -38.97 2.65 26.67
C LYS A 122 -37.78 3.58 26.43
N SER A 123 -37.52 3.92 25.18
CA SER A 123 -36.46 4.87 24.85
C SER A 123 -36.79 6.25 25.40
N ASN A 124 -38.08 6.59 25.38
CA ASN A 124 -38.55 7.87 25.90
C ASN A 124 -38.18 8.05 27.38
N GLN A 125 -37.96 6.94 28.07
CA GLN A 125 -37.53 6.96 29.47
C GLN A 125 -36.10 7.45 29.66
N TYR A 126 -35.31 7.46 28.58
CA TYR A 126 -33.89 7.82 28.67
C TYR A 126 -33.59 9.22 28.15
N VAL A 127 -34.60 9.83 27.52
CA VAL A 127 -34.47 11.16 26.92
C VAL A 127 -33.84 12.18 27.87
N TYR A 128 -34.29 12.20 29.12
CA TYR A 128 -33.76 13.15 30.10
C TYR A 128 -32.78 12.52 31.10
N GLY A 129 -32.23 11.37 30.74
CA GLY A 129 -31.26 10.69 31.58
C GLY A 129 -31.72 9.31 32.01
N ILE A 130 -30.86 8.62 32.77
CA ILE A 130 -31.21 7.33 33.35
C ILE A 130 -32.33 7.48 34.37
N GLY A 131 -33.42 6.76 34.17
CA GLY A 131 -34.59 6.87 35.02
C GLY A 131 -35.36 8.16 34.78
N GLY A 132 -35.05 8.81 33.66
CA GLY A 132 -35.71 10.06 33.31
C GLY A 132 -35.09 11.29 33.93
N GLY A 133 -33.92 11.14 34.56
CA GLY A 133 -33.25 12.23 35.23
C GLY A 133 -34.19 12.98 36.15
N THR A 134 -34.18 14.31 36.06
CA THR A 134 -35.23 15.10 36.70
C THR A 134 -36.08 15.81 35.65
N GLY A 135 -36.31 15.13 34.54
CA GLY A 135 -37.15 15.66 33.47
C GLY A 135 -36.57 16.83 32.69
N CYS A 136 -37.47 17.57 32.05
CA CYS A 136 -37.12 18.75 31.27
C CYS A 136 -36.33 19.76 32.10
N PRO A 137 -35.44 20.52 31.45
CA PRO A 137 -34.60 21.51 32.13
C PRO A 137 -35.40 22.60 32.82
N THR A 138 -36.41 23.13 32.14
CA THR A 138 -37.18 24.27 32.62
C THR A 138 -38.13 23.96 33.78
N HIS A 139 -38.89 22.87 33.69
CA HIS A 139 -39.91 22.57 34.69
C HIS A 139 -39.53 21.43 35.62
N LYS A 140 -38.39 20.79 35.34
CA LYS A 140 -37.94 19.65 36.12
C LYS A 140 -39.02 18.58 36.19
N ASP A 141 -39.74 18.40 35.09
CA ASP A 141 -40.89 17.51 35.03
C ASP A 141 -40.63 16.36 34.07
N ARG A 142 -40.55 15.15 34.62
CA ARG A 142 -40.33 13.98 33.78
C ARG A 142 -41.53 13.70 32.86
N SER A 143 -42.69 14.26 33.24
CA SER A 143 -43.92 14.04 32.48
C SER A 143 -44.41 15.33 31.82
N CYS A 144 -43.47 16.22 31.51
CA CYS A 144 -43.81 17.52 30.93
C CYS A 144 -44.44 17.38 29.55
N TYR A 145 -45.56 18.07 29.35
CA TYR A 145 -46.30 17.99 28.10
C TYR A 145 -46.02 19.22 27.26
N ILE A 146 -45.19 20.10 27.82
CA ILE A 146 -44.83 21.34 27.17
C ILE A 146 -43.54 21.19 26.36
N CYS A 147 -42.46 20.85 27.05
CA CYS A 147 -41.12 20.84 26.43
C CYS A 147 -40.92 19.77 25.34
N HIS A 148 -40.14 20.13 24.34
CA HIS A 148 -39.85 19.26 23.21
C HIS A 148 -38.87 18.14 23.55
N ARG A 149 -39.15 16.93 23.06
CA ARG A 149 -38.22 15.81 23.22
C ARG A 149 -37.74 15.30 21.88
N GLN A 150 -36.58 14.64 21.88
CA GLN A 150 -36.11 13.94 20.69
C GLN A 150 -35.73 12.48 20.98
N MET A 151 -35.93 11.62 19.99
CA MET A 151 -35.39 10.26 20.03
C MET A 151 -35.02 9.87 18.60
N LEU A 152 -34.43 8.69 18.45
CA LEU A 152 -33.98 8.23 17.15
C LEU A 152 -34.65 6.92 16.77
N PHE A 153 -34.88 6.76 15.46
CA PHE A 153 -35.33 5.50 14.91
C PHE A 153 -34.17 5.02 14.05
N CYS A 154 -33.58 3.90 14.43
CA CYS A 154 -32.29 3.48 13.89
C CYS A 154 -32.30 2.09 13.25
N ARG A 155 -31.48 1.93 12.21
CA ARG A 155 -31.14 0.60 11.70
C ARG A 155 -30.08 0.03 12.62
N VAL A 156 -30.29 -1.16 13.14
CA VAL A 156 -29.31 -1.77 14.02
C VAL A 156 -28.92 -3.14 13.51
N THR A 157 -27.62 -3.39 13.47
CA THR A 157 -27.08 -4.69 13.09
C THR A 157 -26.92 -5.55 14.33
N LEU A 158 -27.86 -6.49 14.53
CA LEU A 158 -27.84 -7.35 15.71
C LEU A 158 -26.95 -8.58 15.54
N GLY A 159 -26.80 -9.04 14.30
CA GLY A 159 -26.09 -10.27 14.03
C GLY A 159 -26.62 -11.43 14.84
N LYS A 160 -25.73 -12.23 15.41
CA LYS A 160 -26.13 -13.26 16.36
C LYS A 160 -26.23 -12.64 17.74
N SER A 161 -27.45 -12.57 18.27
CA SER A 161 -27.67 -11.96 19.57
C SER A 161 -27.44 -12.93 20.72
N PHE A 162 -26.94 -12.42 21.83
CA PHE A 162 -26.87 -13.21 23.05
C PHE A 162 -28.01 -12.84 24.01
N LEU A 163 -28.65 -13.86 24.56
CA LEU A 163 -29.79 -13.66 25.43
C LEU A 163 -29.40 -13.90 26.89
N GLN A 164 -29.50 -12.87 27.72
CA GLN A 164 -29.29 -13.03 29.16
C GLN A 164 -30.58 -12.74 29.92
N MET A 168 -24.46 -9.51 34.95
CA MET A 168 -25.37 -8.79 34.07
C MET A 168 -24.66 -7.72 33.27
N LYS A 169 -23.48 -7.32 33.73
CA LYS A 169 -22.71 -6.26 33.08
C LYS A 169 -21.51 -6.80 32.30
N MET A 170 -21.45 -6.47 31.01
CA MET A 170 -20.32 -6.90 30.19
C MET A 170 -19.81 -5.79 29.26
N ALA A 171 -18.58 -5.96 28.78
CA ALA A 171 -17.88 -4.94 28.02
C ALA A 171 -18.14 -5.07 26.52
N HIS A 172 -18.22 -6.32 26.07
CA HIS A 172 -18.41 -6.63 24.65
C HIS A 172 -19.45 -7.72 24.53
N ALA A 173 -19.88 -7.98 23.29
CA ALA A 173 -20.72 -9.13 23.00
C ALA A 173 -19.92 -10.39 23.26
N PRO A 174 -20.59 -11.49 23.65
CA PRO A 174 -19.90 -12.75 23.88
C PRO A 174 -19.29 -13.31 22.60
N PRO A 175 -18.29 -14.19 22.72
CA PRO A 175 -17.68 -14.88 21.58
C PRO A 175 -18.73 -15.49 20.66
N GLY A 176 -18.64 -15.17 19.37
CA GLY A 176 -19.57 -15.67 18.39
C GLY A 176 -20.80 -14.81 18.25
N HIS A 177 -20.85 -13.71 18.99
CA HIS A 177 -22.03 -12.85 18.97
C HIS A 177 -21.73 -11.40 18.57
N HIS A 178 -22.80 -10.65 18.30
CA HIS A 178 -22.67 -9.28 17.81
C HIS A 178 -23.58 -8.33 18.56
N SER A 179 -24.37 -8.86 19.50
CA SER A 179 -25.30 -8.05 20.26
C SER A 179 -25.83 -8.79 21.48
N VAL A 180 -26.22 -8.04 22.50
CA VAL A 180 -26.83 -8.61 23.70
C VAL A 180 -28.29 -8.14 23.82
N ILE A 181 -29.20 -9.08 24.07
CA ILE A 181 -30.60 -8.72 24.27
C ILE A 181 -31.15 -9.20 25.61
N GLY A 182 -31.59 -8.25 26.43
CA GLY A 182 -32.34 -8.59 27.62
C GLY A 182 -33.79 -8.81 27.23
N ARG A 183 -34.22 -10.07 27.25
CA ARG A 183 -35.59 -10.42 26.91
C ARG A 183 -36.48 -10.45 28.15
N PRO A 184 -37.76 -10.09 27.99
CA PRO A 184 -38.72 -10.12 29.11
C PRO A 184 -38.84 -11.51 29.74
N SER A 185 -39.03 -11.55 31.04
CA SER A 185 -39.18 -12.80 31.78
C SER A 185 -39.85 -12.56 33.12
N ASN A 187 -39.32 -12.97 38.01
CA ASN A 187 -39.54 -12.53 36.65
C ASN A 187 -38.30 -11.84 36.09
N GLY A 188 -38.42 -10.54 35.84
CA GLY A 188 -37.34 -9.78 35.26
C GLY A 188 -37.84 -8.60 34.44
N LEU A 189 -37.27 -8.44 33.24
CA LEU A 189 -37.60 -7.31 32.37
C LEU A 189 -39.05 -7.30 31.89
N ALA A 190 -39.60 -6.10 31.71
CA ALA A 190 -40.94 -5.93 31.19
C ALA A 190 -40.93 -5.91 29.66
N TYR A 191 -39.90 -5.30 29.08
CA TYR A 191 -39.79 -5.22 27.63
C TYR A 191 -38.35 -5.35 27.16
N ALA A 192 -38.17 -5.87 25.94
CA ALA A 192 -36.84 -6.17 25.43
C ALA A 192 -35.94 -4.95 25.35
N GLU A 193 -34.68 -5.13 25.69
CA GLU A 193 -33.66 -4.12 25.45
C GLU A 193 -32.58 -4.75 24.59
N TYR A 194 -32.11 -3.98 23.62
CA TYR A 194 -31.11 -4.46 22.68
C TYR A 194 -29.86 -3.66 22.88
N VAL A 195 -28.74 -4.34 23.10
CA VAL A 195 -27.48 -3.68 23.35
C VAL A 195 -26.41 -4.05 22.31
N ILE A 196 -25.71 -3.03 21.80
CA ILE A 196 -24.56 -3.28 20.95
C ILE A 196 -23.34 -2.58 21.54
N TYR A 197 -22.15 -3.09 21.24
CA TYR A 197 -20.94 -2.57 21.85
C TYR A 197 -20.03 -2.00 20.78
N ARG A 198 -20.56 -1.86 19.58
CA ARG A 198 -19.87 -1.22 18.47
C ARG A 198 -20.77 -0.18 17.81
N GLY A 199 -20.30 1.07 17.78
CA GLY A 199 -21.06 2.19 17.26
C GLY A 199 -21.49 2.09 15.81
N GLU A 200 -20.70 1.38 15.00
CA GLU A 200 -21.00 1.25 13.58
C GLU A 200 -22.01 0.15 13.28
N GLN A 201 -22.57 -0.45 14.33
CA GLN A 201 -23.60 -1.47 14.14
C GLN A 201 -25.00 -0.88 14.28
N ALA A 202 -25.08 0.44 14.30
CA ALA A 202 -26.36 1.12 14.29
C ALA A 202 -26.22 2.42 13.51
N TYR A 203 -27.19 2.70 12.65
CA TYR A 203 -27.23 3.97 11.96
C TYR A 203 -28.43 4.79 12.42
N PRO A 204 -28.19 6.05 12.83
CA PRO A 204 -29.27 6.90 13.33
C PRO A 204 -30.15 7.45 12.21
N GLU A 205 -30.99 6.58 11.66
CA GLU A 205 -31.73 6.87 10.42
C GLU A 205 -32.65 8.09 10.49
N TYR A 206 -33.47 8.16 11.53
CA TYR A 206 -34.49 9.19 11.62
C TYR A 206 -34.37 9.96 12.93
N LEU A 207 -34.30 11.28 12.82
CA LEU A 207 -34.37 12.15 14.01
C LEU A 207 -35.80 12.60 14.25
N ILE A 208 -36.38 12.15 15.37
CA ILE A 208 -37.76 12.44 15.70
C ILE A 208 -37.91 13.46 16.83
N THR A 209 -38.54 14.59 16.52
CA THR A 209 -38.78 15.65 17.49
C THR A 209 -40.25 15.63 17.90
N TYR A 210 -40.50 15.52 19.21
CA TYR A 210 -41.86 15.25 19.67
C TYR A 210 -42.19 15.83 21.04
N GLN A 211 -43.47 15.71 21.42
CA GLN A 211 -43.96 15.99 22.76
C GLN A 211 -44.81 14.79 23.19
N ILE A 212 -44.85 14.51 24.48
CA ILE A 212 -45.83 13.55 24.99
C ILE A 212 -47.17 14.28 25.18
N MET A 213 -48.27 13.57 24.95
CA MET A 213 -49.59 14.18 25.05
C MET A 213 -50.32 13.78 26.34
N LYS A 214 -50.95 14.75 26.97
CA LYS A 214 -51.72 14.50 28.18
C LYS A 214 -52.95 13.68 27.83
N PRO A 215 -53.17 12.56 28.57
CA PRO A 215 -54.31 11.68 28.35
C PRO A 215 -55.62 12.33 28.81
N ALA B 5 -13.91 -20.91 7.64
CA ALA B 5 -12.60 -21.54 7.55
C ALA B 5 -11.50 -20.50 7.67
N SER B 6 -10.50 -20.81 8.49
CA SER B 6 -9.38 -19.91 8.69
C SER B 6 -8.46 -19.94 7.47
N GLY B 7 -8.34 -18.80 6.80
CA GLY B 7 -7.49 -18.69 5.63
C GLY B 7 -6.05 -18.36 5.97
N THR B 8 -5.56 -18.92 7.07
CA THR B 8 -4.22 -18.63 7.54
C THR B 8 -3.17 -19.55 6.93
N ILE B 9 -2.12 -18.94 6.39
CA ILE B 9 -0.98 -19.69 5.86
C ILE B 9 0.26 -19.32 6.65
N LEU B 10 0.95 -20.34 7.18
CA LEU B 10 2.18 -20.11 7.92
C LEU B 10 3.40 -20.30 7.02
N LEU B 11 4.35 -19.40 7.14
CA LEU B 11 5.55 -19.45 6.33
C LEU B 11 6.80 -19.43 7.21
N ASP B 12 7.65 -20.44 7.07
CA ASP B 12 8.88 -20.54 7.87
C ASP B 12 9.95 -19.56 7.42
N LEU B 13 10.41 -18.72 8.34
CA LEU B 13 11.55 -17.85 8.06
C LEU B 13 12.86 -18.58 8.36
N ALA B 14 13.73 -18.69 7.37
CA ALA B 14 15.01 -19.35 7.55
C ALA B 14 15.92 -18.52 8.46
N PRO B 15 16.67 -19.19 9.36
CA PRO B 15 17.58 -18.53 10.31
C PRO B 15 18.51 -17.51 9.65
N GLU B 16 19.09 -17.83 8.48
CA GLU B 16 20.01 -16.92 7.82
C GLU B 16 19.30 -15.87 6.94
N ASP B 17 18.02 -15.66 7.21
CA ASP B 17 17.25 -14.62 6.54
C ASP B 17 17.29 -13.32 7.35
N LYS B 18 17.40 -12.20 6.65
CA LYS B 18 17.43 -10.88 7.27
C LYS B 18 16.26 -10.69 8.22
N GLU B 19 15.05 -10.93 7.72
CA GLU B 19 13.85 -10.70 8.50
C GLU B 19 13.78 -11.58 9.75
N TYR B 20 14.41 -12.74 9.68
CA TYR B 20 14.47 -13.64 10.83
C TYR B 20 15.33 -13.02 11.93
N GLN B 21 16.57 -12.67 11.59
CA GLN B 21 17.52 -12.08 12.53
C GLN B 21 16.97 -10.79 13.14
N SER B 22 16.29 -10.01 12.33
CA SER B 22 15.68 -8.78 12.78
C SER B 22 14.65 -9.02 13.90
N VAL B 23 13.84 -10.06 13.74
CA VAL B 23 12.81 -10.36 14.74
C VAL B 23 13.42 -10.91 16.03
N GLU B 24 14.37 -11.84 15.90
CA GLU B 24 15.04 -12.38 17.09
C GLU B 24 15.81 -11.31 17.85
N GLU B 25 16.46 -10.40 17.12
CA GLU B 25 17.19 -9.30 17.73
C GLU B 25 16.29 -8.43 18.61
N GLU B 26 15.11 -8.11 18.11
CA GLU B 26 14.12 -7.32 18.86
C GLU B 26 13.64 -8.08 20.09
N MET B 27 13.43 -9.39 19.94
CA MET B 27 13.01 -10.24 21.05
C MET B 27 14.09 -10.34 22.13
N GLN B 28 15.31 -10.66 21.72
CA GLN B 28 16.41 -10.80 22.67
C GLN B 28 16.74 -9.49 23.36
N SER B 29 16.80 -8.40 22.59
CA SER B 29 17.29 -7.13 23.11
C SER B 29 16.30 -6.40 24.03
N THR B 30 15.04 -6.79 23.99
CA THR B 30 14.04 -6.13 24.83
C THR B 30 13.72 -6.92 26.09
N ILE B 31 14.55 -7.91 26.39
CA ILE B 31 14.46 -8.63 27.66
C ILE B 31 14.83 -7.71 28.81
N ARG B 32 13.98 -7.63 29.82
CA ARG B 32 14.27 -6.83 31.01
C ARG B 32 14.08 -7.67 32.26
N GLU B 33 14.89 -7.42 33.29
CA GLU B 33 14.69 -8.09 34.56
C GLU B 33 13.46 -7.44 35.18
N HIS B 34 12.53 -8.27 35.66
CA HIS B 34 11.24 -7.77 36.14
C HIS B 34 11.14 -7.67 37.66
N ARG B 35 10.04 -7.11 38.12
CA ARG B 35 9.86 -6.80 39.54
C ARG B 35 9.62 -8.03 40.41
N ASP B 36 9.03 -9.06 39.83
CA ASP B 36 8.68 -10.27 40.60
C ASP B 36 9.87 -11.21 40.83
N GLY B 37 11.03 -10.84 40.31
CA GLY B 37 12.21 -11.69 40.40
C GLY B 37 12.12 -12.83 39.42
N GLY B 38 11.39 -12.61 38.33
CA GLY B 38 11.24 -13.61 37.28
C GLY B 38 10.30 -14.72 37.70
N ASN B 39 9.37 -14.40 38.59
CA ASN B 39 8.41 -15.36 39.10
C ASN B 39 7.38 -15.77 38.05
N ALA B 40 6.87 -14.79 37.29
CA ALA B 40 5.81 -15.04 36.33
C ALA B 40 6.32 -15.67 35.04
N GLY B 41 7.35 -15.07 34.45
CA GLY B 41 7.85 -15.50 33.16
C GLY B 41 9.04 -16.45 33.21
N GLY B 42 9.65 -16.59 34.38
CA GLY B 42 10.83 -17.41 34.53
C GLY B 42 12.11 -16.60 34.68
N ILE B 43 13.21 -17.29 34.97
CA ILE B 43 14.50 -16.64 35.19
C ILE B 43 15.47 -16.93 34.04
N PHE B 44 15.89 -15.87 33.35
CA PHE B 44 16.68 -16.03 32.14
C PHE B 44 17.17 -14.69 31.62
N ASN B 45 18.23 -14.73 30.82
CA ASN B 45 18.75 -13.55 30.15
C ASN B 45 18.60 -13.69 28.64
N ARG B 46 18.27 -14.89 28.19
CA ARG B 46 18.30 -15.19 26.77
C ARG B 46 17.25 -16.22 26.39
N TYR B 47 16.66 -16.04 25.22
CA TYR B 47 15.78 -17.05 24.67
C TYR B 47 16.57 -18.01 23.80
N ASN B 48 15.98 -19.16 23.51
CA ASN B 48 16.46 -20.04 22.47
C ASN B 48 15.38 -20.10 21.41
N VAL B 49 15.56 -19.34 20.33
CA VAL B 49 14.53 -19.26 19.31
C VAL B 49 14.54 -20.50 18.41
N ILE B 50 13.43 -21.23 18.43
CA ILE B 50 13.30 -22.49 17.72
C ILE B 50 12.75 -22.28 16.30
N ARG B 51 11.78 -21.36 16.20
CA ARG B 51 11.16 -21.09 14.91
C ARG B 51 10.58 -19.68 14.89
N ILE B 52 10.60 -19.07 13.71
CA ILE B 52 9.89 -17.82 13.49
C ILE B 52 9.10 -17.88 12.18
N GLN B 53 7.80 -17.70 12.27
CA GLN B 53 6.92 -17.79 11.11
C GLN B 53 6.07 -16.56 10.89
N LYS B 54 5.97 -16.12 9.65
CA LYS B 54 5.07 -15.04 9.28
C LYS B 54 3.64 -15.59 9.15
N VAL B 55 2.68 -14.92 9.77
CA VAL B 55 1.28 -15.31 9.67
C VAL B 55 0.67 -14.61 8.48
N VAL B 56 0.30 -15.38 7.47
CA VAL B 56 -0.23 -14.82 6.23
C VAL B 56 -1.73 -15.13 6.06
N ASN B 57 -2.54 -14.08 6.10
CA ASN B 57 -3.99 -14.19 6.01
C ASN B 57 -4.54 -12.93 5.34
N LYS B 58 -5.12 -13.11 4.16
CA LYS B 58 -5.61 -11.99 3.35
C LYS B 58 -6.76 -11.22 4.02
N LYS B 59 -7.82 -11.93 4.39
CA LYS B 59 -9.01 -11.27 4.94
C LYS B 59 -8.66 -10.54 6.22
N LEU B 60 -7.78 -11.15 7.01
CA LEU B 60 -7.35 -10.56 8.27
C LEU B 60 -6.53 -9.31 8.01
N ARG B 61 -5.71 -9.33 6.97
CA ARG B 61 -4.87 -8.19 6.60
C ARG B 61 -5.75 -7.02 6.18
N GLU B 62 -6.79 -7.30 5.41
CA GLU B 62 -7.72 -6.28 4.95
C GLU B 62 -8.47 -5.63 6.10
N ARG B 63 -8.85 -6.44 7.08
CA ARG B 63 -9.54 -5.93 8.26
C ARG B 63 -8.64 -5.00 9.04
N PHE B 64 -7.37 -5.38 9.18
CA PHE B 64 -6.38 -4.56 9.85
C PHE B 64 -6.15 -3.25 9.09
N CYS B 65 -6.07 -3.36 7.77
CA CYS B 65 -5.81 -2.20 6.93
C CYS B 65 -7.00 -1.25 6.88
N HIS B 66 -8.22 -1.80 6.89
CA HIS B 66 -9.43 -0.97 6.90
C HIS B 66 -9.55 -0.15 8.17
N ARG B 67 -9.25 -0.78 9.30
CA ARG B 67 -9.32 -0.11 10.59
C ARG B 67 -8.23 0.97 10.70
N GLN B 68 -7.05 0.64 10.21
CA GLN B 68 -5.92 1.57 10.23
C GLN B 68 -6.28 2.86 9.48
N LYS B 69 -7.02 2.71 8.38
CA LYS B 69 -7.50 3.87 7.64
C LYS B 69 -8.40 4.73 8.51
N GLU B 70 -9.33 4.09 9.19
CA GLU B 70 -10.28 4.80 10.05
C GLU B 70 -9.58 5.56 11.15
N VAL B 71 -8.63 4.90 11.80
CA VAL B 71 -7.88 5.53 12.88
C VAL B 71 -7.06 6.71 12.36
N SER B 72 -6.46 6.55 11.19
CA SER B 72 -5.75 7.64 10.52
C SER B 72 -6.59 8.90 10.40
N GLU B 73 -7.73 8.79 9.76
CA GLU B 73 -8.62 9.93 9.57
C GLU B 73 -9.13 10.48 10.90
N GLU B 74 -9.19 9.62 11.91
CA GLU B 74 -9.62 10.01 13.24
C GLU B 74 -8.54 10.76 14.00
N ASN B 75 -7.29 10.56 13.59
CA ASN B 75 -6.15 11.07 14.36
C ASN B 75 -5.14 11.81 13.49
N HIS B 76 -5.65 12.78 12.71
CA HIS B 76 -4.84 13.60 11.82
C HIS B 76 -3.86 12.83 10.95
N ASN B 77 -4.32 11.71 10.41
CA ASN B 77 -3.51 10.87 9.53
C ASN B 77 -2.32 10.20 10.21
N HIS B 78 -2.44 9.99 11.52
CA HIS B 78 -1.46 9.21 12.27
C HIS B 78 -2.16 8.01 12.89
N HIS B 79 -1.74 6.81 12.52
CA HIS B 79 -2.31 5.61 13.12
C HIS B 79 -1.42 5.10 14.24
N ASN B 80 -0.22 5.67 14.36
CA ASN B 80 0.72 5.32 15.42
C ASN B 80 0.95 3.82 15.50
N GLU B 81 1.43 3.25 14.40
CA GLU B 81 1.75 1.82 14.38
C GLU B 81 3.01 1.57 15.21
N ARG B 82 2.93 0.56 16.06
CA ARG B 82 4.09 0.11 16.81
C ARG B 82 4.23 -1.40 16.60
N MET B 83 5.45 -1.89 16.60
CA MET B 83 5.68 -3.33 16.63
C MET B 83 5.73 -3.77 18.08
N LEU B 84 4.75 -4.56 18.50
CA LEU B 84 4.64 -4.96 19.89
C LEU B 84 4.51 -6.47 20.05
N PHE B 85 4.94 -6.96 21.20
CA PHE B 85 4.84 -8.38 21.51
C PHE B 85 3.51 -8.69 22.19
N HIS B 86 3.07 -9.94 22.07
CA HIS B 86 1.88 -10.39 22.78
C HIS B 86 2.04 -11.84 23.24
N GLY B 87 1.65 -12.09 24.48
CA GLY B 87 1.59 -13.44 25.00
C GLY B 87 0.26 -13.74 25.67
N SER B 88 -0.23 -14.96 25.47
CA SER B 88 -1.44 -15.46 26.12
C SER B 88 -1.58 -16.94 25.77
N PRO B 89 -2.40 -17.68 26.53
CA PRO B 89 -2.66 -19.08 26.19
C PRO B 89 -3.37 -19.30 24.85
N PHE B 90 -3.65 -18.24 24.09
CA PHE B 90 -4.56 -18.35 22.95
C PHE B 90 -3.92 -18.05 21.60
N ILE B 91 -2.62 -18.28 21.49
CA ILE B 91 -1.89 -17.91 20.28
C ILE B 91 -2.39 -18.64 19.04
N ASN B 92 -2.63 -19.94 19.16
CA ASN B 92 -3.11 -20.71 18.03
C ASN B 92 -4.48 -20.24 17.51
N ALA B 93 -5.37 -19.89 18.44
CA ALA B 93 -6.64 -19.30 18.04
C ALA B 93 -6.45 -17.94 17.37
N ILE B 94 -5.45 -17.19 17.84
CA ILE B 94 -5.23 -15.83 17.36
C ILE B 94 -4.69 -15.80 15.92
N ILE B 95 -3.76 -16.71 15.62
CA ILE B 95 -3.16 -16.78 14.31
C ILE B 95 -4.14 -17.25 13.23
N HIS B 96 -5.10 -18.07 13.61
CA HIS B 96 -6.10 -18.55 12.66
C HIS B 96 -7.31 -17.60 12.51
N LYS B 97 -7.59 -16.82 13.53
CA LYS B 97 -8.80 -15.99 13.51
C LYS B 97 -8.55 -14.48 13.57
N GLY B 98 -7.41 -14.09 14.12
CA GLY B 98 -7.16 -12.68 14.40
C GLY B 98 -7.50 -12.40 15.84
N PHE B 99 -6.96 -11.31 16.39
CA PHE B 99 -7.30 -10.90 17.74
C PHE B 99 -8.79 -10.58 17.84
N ASP B 100 -9.43 -11.01 18.92
CA ASP B 100 -10.85 -10.75 19.11
C ASP B 100 -11.09 -10.22 20.53
N GLU B 101 -11.66 -9.02 20.62
CA GLU B 101 -11.90 -8.41 21.92
C GLU B 101 -13.05 -9.10 22.66
N ARG B 102 -13.87 -9.84 21.93
CA ARG B 102 -14.93 -10.63 22.55
C ARG B 102 -14.31 -11.73 23.39
N HIS B 103 -13.08 -12.11 23.05
CA HIS B 103 -12.34 -13.11 23.81
C HIS B 103 -11.49 -12.53 24.94
N ALA B 104 -11.56 -11.22 25.14
CA ALA B 104 -10.86 -10.61 26.26
C ALA B 104 -11.55 -11.01 27.57
N TYR B 105 -10.74 -11.25 28.60
CA TYR B 105 -11.29 -11.58 29.92
C TYR B 105 -10.63 -10.77 31.03
N ILE B 106 -11.07 -10.98 32.27
CA ILE B 106 -10.54 -10.24 33.41
C ILE B 106 -9.45 -11.04 34.12
N MET B 109 -6.72 -8.59 34.84
CA MET B 109 -5.63 -7.64 34.61
C MET B 109 -6.03 -6.22 35.01
N PHE B 110 -5.71 -5.25 34.16
CA PHE B 110 -6.09 -3.86 34.42
C PHE B 110 -7.04 -3.33 33.34
N GLY B 111 -7.95 -4.19 32.89
CA GLY B 111 -8.92 -3.83 31.86
C GLY B 111 -9.34 -5.03 31.03
N ALA B 112 -10.51 -4.95 30.43
CA ALA B 112 -11.02 -6.03 29.59
C ALA B 112 -10.68 -5.81 28.12
N GLY B 113 -9.40 -5.76 27.82
CA GLY B 113 -8.91 -5.59 26.47
C GLY B 113 -7.79 -6.54 26.12
N ILE B 114 -7.05 -6.22 25.06
CA ILE B 114 -5.98 -7.07 24.57
C ILE B 114 -4.64 -6.42 24.84
N TYR B 115 -3.71 -7.18 25.43
CA TYR B 115 -2.48 -6.59 25.95
C TYR B 115 -1.23 -6.84 25.11
N PHE B 116 -0.43 -5.80 24.96
CA PHE B 116 0.79 -5.88 24.18
C PHE B 116 1.93 -5.23 24.95
N ALA B 117 3.16 -5.66 24.64
CA ALA B 117 4.34 -5.11 25.31
C ALA B 117 5.45 -4.79 24.31
N GLU B 118 6.20 -3.72 24.59
CA GLU B 118 7.39 -3.42 23.81
C GLU B 118 8.55 -4.28 24.31
N ASN B 119 8.39 -4.86 25.49
CA ASN B 119 9.38 -5.77 26.06
C ASN B 119 8.92 -7.22 25.99
N SER B 120 9.59 -8.01 25.16
CA SER B 120 9.25 -9.41 24.94
C SER B 120 9.14 -10.20 26.25
N SER B 121 9.98 -9.85 27.22
CA SER B 121 9.99 -10.58 28.48
C SER B 121 8.72 -10.36 29.30
N LYS B 122 8.03 -9.24 29.05
CA LYS B 122 6.76 -9.00 29.72
C LYS B 122 5.62 -9.81 29.11
N SER B 123 5.68 -10.03 27.80
CA SER B 123 4.68 -10.87 27.14
C SER B 123 4.92 -12.34 27.50
N ASN B 124 6.18 -12.67 27.76
CA ASN B 124 6.53 -14.01 28.22
C ASN B 124 5.89 -14.33 29.57
N GLN B 125 5.54 -13.29 30.33
CA GLN B 125 4.84 -13.47 31.60
C GLN B 125 3.41 -13.96 31.42
N TYR B 126 2.86 -13.81 30.21
CA TYR B 126 1.46 -14.15 29.96
C TYR B 126 1.29 -15.46 29.18
N VAL B 127 2.41 -16.03 28.73
CA VAL B 127 2.41 -17.27 27.95
C VAL B 127 1.59 -18.39 28.60
N TYR B 128 1.83 -18.65 29.88
CA TYR B 128 1.09 -19.70 30.56
C TYR B 128 -0.09 -19.17 31.36
N GLY B 129 -0.47 -17.93 31.09
CA GLY B 129 -1.62 -17.31 31.73
C GLY B 129 -1.23 -16.07 32.51
N ILE B 130 -2.22 -15.46 33.16
CA ILE B 130 -1.99 -14.31 34.03
C ILE B 130 -1.03 -14.66 35.16
N GLY B 131 0.06 -13.92 35.25
CA GLY B 131 1.07 -14.15 36.28
C GLY B 131 1.86 -15.41 36.03
N GLY B 132 1.88 -15.85 34.78
CA GLY B 132 2.59 -17.07 34.41
C GLY B 132 1.76 -18.31 34.68
N GLY B 133 0.50 -18.10 35.06
CA GLY B 133 -0.42 -19.19 35.36
C GLY B 133 0.14 -20.16 36.38
N THR B 134 0.33 -21.41 35.95
CA THR B 134 0.97 -22.42 36.76
C THR B 134 2.18 -22.98 36.02
N GLY B 135 2.63 -22.21 35.03
CA GLY B 135 3.76 -22.63 34.23
C GLY B 135 3.37 -23.70 33.22
N CYS B 136 4.37 -24.35 32.66
CA CYS B 136 4.19 -25.38 31.64
C CYS B 136 3.23 -26.49 32.10
N PRO B 137 2.54 -27.12 31.14
CA PRO B 137 1.59 -28.21 31.45
C PRO B 137 2.24 -29.39 32.15
N THR B 138 3.37 -29.86 31.64
CA THR B 138 4.02 -31.08 32.14
C THR B 138 4.69 -30.94 33.51
N HIS B 139 5.52 -29.92 33.68
CA HIS B 139 6.31 -29.76 34.90
C HIS B 139 5.73 -28.76 35.91
N LYS B 140 4.71 -28.00 35.47
CA LYS B 140 4.11 -26.96 36.31
C LYS B 140 5.15 -25.96 36.78
N ASP B 141 6.07 -25.62 35.88
CA ASP B 141 7.20 -24.75 36.19
C ASP B 141 7.08 -23.48 35.36
N ARG B 142 6.93 -22.34 36.04
CA ARG B 142 6.88 -21.06 35.34
C ARG B 142 8.25 -20.70 34.76
N SER B 143 9.30 -21.30 35.30
CA SER B 143 10.67 -21.03 34.85
C SER B 143 11.28 -22.22 34.09
N CYS B 144 10.43 -23.10 33.61
CA CYS B 144 10.86 -24.31 32.89
C CYS B 144 11.69 -23.97 31.65
N TYR B 145 12.83 -24.64 31.51
CA TYR B 145 13.73 -24.39 30.38
C TYR B 145 13.56 -25.45 29.29
N ILE B 146 12.69 -26.40 29.56
CA ILE B 146 12.44 -27.50 28.64
C ILE B 146 11.34 -27.16 27.61
N CYS B 147 10.12 -27.01 28.11
CA CYS B 147 8.94 -26.87 27.27
C CYS B 147 8.96 -25.67 26.31
N HIS B 148 8.48 -25.90 25.09
CA HIS B 148 8.43 -24.87 24.05
C HIS B 148 7.39 -23.80 24.36
N ARG B 149 7.77 -22.54 24.18
CA ARG B 149 6.84 -21.44 24.38
C ARG B 149 6.57 -20.75 23.07
N GLN B 150 5.46 -20.03 22.99
CA GLN B 150 5.16 -19.20 21.83
C GLN B 150 4.70 -17.79 22.23
N MET B 151 5.03 -16.82 21.39
CA MET B 151 4.55 -15.45 21.56
C MET B 151 4.44 -14.82 20.18
N LEU B 152 3.80 -13.67 20.09
CA LEU B 152 3.62 -13.03 18.80
C LEU B 152 4.34 -11.69 18.72
N PHE B 153 4.82 -11.36 17.53
CA PHE B 153 5.32 -10.04 17.26
C PHE B 153 4.34 -9.41 16.28
N CYS B 154 3.64 -8.37 16.74
CA CYS B 154 2.47 -7.84 16.03
C CYS B 154 2.59 -6.37 15.64
N ARG B 155 1.92 -6.01 14.54
CA ARG B 155 1.70 -4.61 14.20
C ARG B 155 0.46 -4.18 14.95
N VAL B 156 0.54 -3.03 15.62
CA VAL B 156 -0.58 -2.58 16.45
C VAL B 156 -0.85 -1.11 16.22
N THR B 157 -2.09 -0.83 15.83
CA THR B 157 -2.55 0.52 15.60
C THR B 157 -2.96 1.17 16.92
N LEU B 158 -2.11 2.04 17.44
CA LEU B 158 -2.39 2.72 18.70
C LEU B 158 -3.27 3.96 18.52
N GLY B 159 -3.10 4.65 17.40
CA GLY B 159 -3.76 5.92 17.18
C GLY B 159 -3.38 6.90 18.29
N LYS B 160 -4.35 7.69 18.72
CA LYS B 160 -4.12 8.55 19.88
C LYS B 160 -4.30 7.73 21.14
N SER B 161 -3.23 7.56 21.89
CA SER B 161 -3.27 6.72 23.09
C SER B 161 -3.67 7.53 24.32
N PHE B 162 -4.47 6.91 25.18
CA PHE B 162 -4.75 7.51 26.48
C PHE B 162 -3.75 7.02 27.51
N LEU B 163 -3.09 7.97 28.17
CA LEU B 163 -2.16 7.65 29.23
C LEU B 163 -2.85 7.65 30.57
N GLN B 164 -2.83 6.51 31.26
CA GLN B 164 -3.34 6.44 32.61
C GLN B 164 -2.23 6.16 33.60
N MET B 168 -8.00 2.65 37.04
CA MET B 168 -9.35 2.17 36.89
C MET B 168 -9.43 1.14 35.76
N LYS B 169 -10.49 0.32 35.79
CA LYS B 169 -10.73 -0.67 34.74
C LYS B 169 -11.79 -0.18 33.76
N MET B 170 -11.43 -0.11 32.49
CA MET B 170 -12.41 0.36 31.50
C MET B 170 -12.64 -0.65 30.36
N ALA B 171 -13.77 -0.51 29.67
CA ALA B 171 -14.24 -1.48 28.67
C ALA B 171 -13.80 -1.10 27.26
N HIS B 172 -13.61 0.20 27.06
CA HIS B 172 -13.25 0.75 25.76
C HIS B 172 -12.20 1.83 25.95
N ALA B 173 -11.59 2.26 24.84
CA ALA B 173 -10.75 3.44 24.86
C ALA B 173 -11.63 4.64 25.21
N PRO B 174 -11.04 5.66 25.86
CA PRO B 174 -11.78 6.88 26.19
C PRO B 174 -12.19 7.62 24.92
N PRO B 175 -13.19 8.51 25.02
CA PRO B 175 -13.60 9.34 23.88
C PRO B 175 -12.42 10.08 23.25
N GLY B 176 -12.22 9.91 21.95
CA GLY B 176 -11.17 10.60 21.24
C GLY B 176 -9.89 9.79 21.12
N HIS B 177 -9.87 8.60 21.72
CA HIS B 177 -8.68 7.78 21.72
C HIS B 177 -8.88 6.44 20.99
N HIS B 178 -7.79 5.70 20.82
CA HIS B 178 -7.84 4.42 20.11
C HIS B 178 -7.08 3.33 20.84
N SER B 179 -6.49 3.68 21.97
CA SER B 179 -5.73 2.73 22.77
C SER B 179 -5.48 3.27 24.17
N VAL B 180 -5.20 2.38 25.12
CA VAL B 180 -4.82 2.77 26.47
C VAL B 180 -3.41 2.28 26.79
N ILE B 181 -2.61 3.13 27.42
CA ILE B 181 -1.24 2.75 27.77
C ILE B 181 -0.95 2.87 29.26
N GLY B 182 -0.53 1.77 29.87
CA GLY B 182 0.01 1.80 31.22
C GLY B 182 1.49 2.13 31.14
N ARG B 183 1.84 3.38 31.40
CA ARG B 183 3.22 3.84 31.31
C ARG B 183 3.91 3.73 32.68
N PRO B 184 5.21 3.36 32.69
CA PRO B 184 5.96 3.18 33.94
C PRO B 184 6.01 4.45 34.80
N SER B 185 5.95 4.28 36.11
CA SER B 185 5.93 5.41 37.03
C SER B 185 6.54 5.06 38.38
N GLY B 188 3.91 2.05 41.48
CA GLY B 188 3.43 2.14 40.10
C GLY B 188 3.91 1.01 39.22
N LEU B 189 3.77 1.19 37.91
CA LEU B 189 4.18 0.16 36.95
C LEU B 189 5.70 0.05 36.79
N ALA B 190 6.15 -0.97 36.08
CA ALA B 190 7.57 -1.16 35.82
C ALA B 190 7.87 -0.90 34.36
N TYR B 191 7.10 -1.53 33.48
CA TYR B 191 7.31 -1.38 32.04
C TYR B 191 6.00 -1.15 31.32
N ALA B 192 6.09 -0.46 30.18
CA ALA B 192 4.90 -0.06 29.44
C ALA B 192 4.02 -1.24 29.06
N GLU B 193 2.72 -1.09 29.26
CA GLU B 193 1.76 -2.03 28.69
C GLU B 193 0.85 -1.26 27.74
N TYR B 194 0.56 -1.86 26.60
CA TYR B 194 -0.27 -1.24 25.58
C TYR B 194 -1.56 -2.02 25.46
N VAL B 195 -2.70 -1.34 25.53
CA VAL B 195 -3.99 -2.01 25.52
C VAL B 195 -4.90 -1.50 24.40
N ILE B 196 -5.40 -2.42 23.58
CA ILE B 196 -6.41 -2.08 22.59
C ILE B 196 -7.70 -2.83 22.86
N TYR B 197 -8.82 -2.26 22.45
CA TYR B 197 -10.14 -2.84 22.73
C TYR B 197 -10.87 -3.20 21.44
N ARG B 198 -10.14 -3.12 20.33
CA ARG B 198 -10.62 -3.62 19.05
C ARG B 198 -9.59 -4.57 18.45
N GLY B 199 -10.03 -5.79 18.16
CA GLY B 199 -9.16 -6.85 17.67
C GLY B 199 -8.50 -6.57 16.33
N GLU B 200 -9.18 -5.80 15.49
CA GLU B 200 -8.67 -5.51 14.15
C GLU B 200 -7.61 -4.40 14.17
N GLN B 201 -7.27 -3.89 15.35
CA GLN B 201 -6.23 -2.86 15.45
C GLN B 201 -4.85 -3.47 15.63
N ALA B 202 -4.79 -4.80 15.65
CA ALA B 202 -3.52 -5.50 15.72
C ALA B 202 -3.47 -6.64 14.71
N TYR B 203 -2.37 -6.71 13.97
CA TYR B 203 -2.13 -7.87 13.12
C TYR B 203 -1.01 -8.74 13.68
N PRO B 204 -1.28 -10.04 13.87
CA PRO B 204 -0.30 -10.98 14.44
C PRO B 204 0.75 -11.36 13.42
N GLU B 205 1.75 -10.49 13.26
CA GLU B 205 2.69 -10.59 12.14
C GLU B 205 3.56 -11.84 12.17
N TYR B 206 4.24 -12.07 13.30
CA TYR B 206 5.19 -13.16 13.40
C TYR B 206 4.84 -14.11 14.53
N LEU B 207 4.89 -15.41 14.24
CA LEU B 207 4.72 -16.43 15.27
C LEU B 207 6.09 -16.95 15.70
N ILE B 208 6.44 -16.69 16.96
CA ILE B 208 7.74 -17.06 17.50
C ILE B 208 7.68 -18.22 18.49
N THR B 209 8.34 -19.32 18.14
CA THR B 209 8.36 -20.52 18.97
C THR B 209 9.71 -20.63 19.67
N TYR B 210 9.72 -20.65 21.00
CA TYR B 210 10.98 -20.52 21.71
C TYR B 210 11.09 -21.31 23.01
N GLN B 211 12.27 -21.23 23.62
CA GLN B 211 12.51 -21.70 24.98
C GLN B 211 13.24 -20.58 25.70
N ILE B 212 13.04 -20.47 27.01
CA ILE B 212 13.91 -19.61 27.81
C ILE B 212 15.16 -20.41 28.14
N MET B 213 16.31 -19.73 28.18
CA MET B 213 17.57 -20.40 28.49
C MET B 213 17.99 -20.16 29.92
N LYS B 214 18.54 -21.19 30.56
CA LYS B 214 19.06 -21.05 31.90
C LYS B 214 20.39 -20.31 31.87
N PRO B 215 20.52 -19.27 32.71
CA PRO B 215 21.77 -18.50 32.81
C PRO B 215 22.87 -19.34 33.47
N ALA C 5 11.74 20.80 -7.96
CA ALA C 5 12.91 21.66 -7.82
C ALA C 5 14.15 20.83 -7.55
N SER C 6 15.32 21.44 -7.76
CA SER C 6 16.57 20.73 -7.60
C SER C 6 17.03 20.73 -6.13
N GLY C 7 17.39 19.55 -5.63
CA GLY C 7 17.96 19.43 -4.31
C GLY C 7 19.48 19.37 -4.39
N THR C 8 20.02 19.85 -5.51
CA THR C 8 21.46 19.82 -5.74
C THR C 8 22.17 20.91 -4.97
N ILE C 9 23.20 20.52 -4.21
CA ILE C 9 24.10 21.48 -3.61
C ILE C 9 25.49 21.27 -4.20
N LEU C 10 26.14 22.36 -4.60
CA LEU C 10 27.51 22.26 -5.09
C LEU C 10 28.53 22.57 -3.99
N LEU C 11 29.34 21.58 -3.66
CA LEU C 11 30.40 21.76 -2.67
C LEU C 11 31.74 22.04 -3.37
N ASP C 12 32.28 23.24 -3.13
CA ASP C 12 33.55 23.65 -3.71
C ASP C 12 34.73 22.94 -3.04
N LEU C 13 35.56 22.29 -3.85
CA LEU C 13 36.78 21.68 -3.34
C LEU C 13 37.95 22.63 -3.43
N ALA C 14 38.65 22.83 -2.31
CA ALA C 14 39.83 23.67 -2.30
C ALA C 14 40.96 22.96 -3.03
N PRO C 15 41.88 23.73 -3.65
CA PRO C 15 43.08 23.16 -4.26
C PRO C 15 43.95 22.36 -3.27
N GLU C 16 44.08 22.85 -2.03
CA GLU C 16 44.87 22.13 -1.02
C GLU C 16 44.28 20.78 -0.63
N ASP C 17 43.04 20.51 -1.05
CA ASP C 17 42.34 19.28 -0.72
C ASP C 17 42.81 18.12 -1.60
N LYS C 18 43.00 16.96 -0.97
CA LYS C 18 43.53 15.80 -1.69
C LYS C 18 42.52 15.24 -2.68
N GLU C 19 41.23 15.35 -2.36
CA GLU C 19 40.20 14.87 -3.24
C GLU C 19 40.16 15.72 -4.51
N TYR C 20 40.57 16.97 -4.38
CA TYR C 20 40.72 17.88 -5.51
C TYR C 20 41.92 17.45 -6.35
N GLN C 21 43.02 17.12 -5.69
CA GLN C 21 44.24 16.72 -6.37
C GLN C 21 44.09 15.39 -7.08
N SER C 22 43.34 14.47 -6.47
CA SER C 22 43.04 13.19 -7.09
C SER C 22 42.27 13.36 -8.40
N VAL C 23 41.20 14.14 -8.37
CA VAL C 23 40.39 14.37 -9.55
C VAL C 23 41.18 15.06 -10.68
N GLU C 24 41.93 16.10 -10.34
CA GLU C 24 42.73 16.78 -11.36
C GLU C 24 43.82 15.88 -11.93
N GLU C 25 44.43 15.06 -11.09
CA GLU C 25 45.42 14.08 -11.55
C GLU C 25 44.81 13.13 -12.56
N GLU C 26 43.62 12.63 -12.25
CA GLU C 26 42.88 11.75 -13.14
C GLU C 26 42.54 12.45 -14.45
N MET C 27 42.21 13.73 -14.37
CA MET C 27 41.88 14.52 -15.56
C MET C 27 43.11 14.77 -16.43
N GLN C 28 44.17 15.31 -15.83
CA GLN C 28 45.41 15.58 -16.55
C GLN C 28 46.04 14.31 -17.13
N SER C 29 46.16 13.26 -16.30
CA SER C 29 46.92 12.07 -16.70
C SER C 29 46.25 11.22 -17.77
N THR C 30 44.97 11.49 -18.05
CA THR C 30 44.25 10.69 -19.04
C THR C 30 44.06 11.42 -20.37
N ILE C 31 44.76 12.54 -20.53
CA ILE C 31 44.79 13.23 -21.82
C ILE C 31 45.48 12.36 -22.87
N ARG C 32 44.89 12.26 -24.05
CA ARG C 32 45.50 11.48 -25.12
C ARG C 32 45.50 12.22 -26.45
N GLU C 33 46.52 11.97 -27.27
CA GLU C 33 46.54 12.48 -28.63
C GLU C 33 45.48 11.73 -29.44
N HIS C 34 44.58 12.48 -30.07
CA HIS C 34 43.46 11.88 -30.78
C HIS C 34 43.67 11.73 -32.28
N ARG C 35 42.82 10.91 -32.90
CA ARG C 35 42.94 10.60 -34.32
C ARG C 35 42.68 11.82 -35.20
N ASP C 36 41.79 12.71 -34.74
CA ASP C 36 41.39 13.87 -35.52
C ASP C 36 42.43 15.00 -35.47
N GLY C 37 43.58 14.72 -34.86
CA GLY C 37 44.64 15.71 -34.76
C GLY C 37 44.28 16.90 -33.89
N GLY C 38 43.40 16.69 -32.92
CA GLY C 38 42.98 17.74 -32.01
C GLY C 38 42.04 18.75 -32.64
N ASN C 39 41.18 18.26 -33.53
CA ASN C 39 40.28 19.14 -34.25
C ASN C 39 38.96 19.41 -33.54
N ALA C 40 38.42 18.40 -32.87
CA ALA C 40 37.14 18.53 -32.17
C ALA C 40 37.32 19.23 -30.84
N GLY C 41 38.21 18.69 -30.01
CA GLY C 41 38.43 19.21 -28.66
C GLY C 41 39.50 20.27 -28.55
N GLY C 42 40.29 20.46 -29.61
CA GLY C 42 41.37 21.43 -29.59
C GLY C 42 42.75 20.82 -29.48
N ILE C 43 43.78 21.65 -29.54
CA ILE C 43 45.17 21.19 -29.40
C ILE C 43 45.77 21.64 -28.07
N PHE C 44 46.23 20.67 -27.29
CA PHE C 44 46.72 20.94 -25.94
C PHE C 44 47.32 19.70 -25.32
N ASN C 45 48.20 19.89 -24.34
CA ASN C 45 48.78 18.78 -23.58
C ASN C 45 48.34 18.81 -22.12
N ARG C 46 47.71 19.91 -21.70
CA ARG C 46 47.31 20.07 -20.31
C ARG C 46 46.11 20.99 -20.17
N TYR C 47 45.31 20.75 -19.13
CA TYR C 47 44.23 21.65 -18.79
C TYR C 47 44.70 22.68 -17.78
N ASN C 48 43.97 23.77 -17.68
CA ASN C 48 44.06 24.64 -16.51
C ASN C 48 42.74 24.50 -15.78
N VAL C 49 42.80 23.92 -14.59
CA VAL C 49 41.60 23.68 -13.80
C VAL C 49 41.23 24.90 -12.97
N ILE C 50 40.02 25.42 -13.18
CA ILE C 50 39.55 26.62 -12.51
C ILE C 50 38.86 26.23 -11.20
N ARG C 51 38.07 25.18 -11.27
CA ARG C 51 37.23 24.81 -10.15
C ARG C 51 36.89 23.34 -10.21
N ILE C 52 36.78 22.71 -9.04
CA ILE C 52 36.23 21.36 -8.95
C ILE C 52 35.19 21.28 -7.83
N GLN C 53 33.96 20.96 -8.19
CA GLN C 53 32.88 20.90 -7.22
C GLN C 53 32.23 19.53 -7.14
N LYS C 54 31.91 19.12 -5.92
CA LYS C 54 31.14 17.91 -5.70
C LYS C 54 29.64 18.22 -5.84
N VAL C 55 28.96 17.48 -6.70
CA VAL C 55 27.51 17.59 -6.83
C VAL C 55 26.85 16.77 -5.74
N VAL C 56 26.22 17.44 -4.80
CA VAL C 56 25.55 16.77 -3.68
C VAL C 56 24.02 16.87 -3.78
N ASN C 57 23.39 15.71 -3.90
CA ASN C 57 21.96 15.60 -4.11
C ASN C 57 21.45 14.28 -3.54
N LYS C 58 20.62 14.35 -2.50
CA LYS C 58 20.14 13.15 -1.82
C LYS C 58 19.32 12.22 -2.70
N LYS C 59 18.28 12.76 -3.35
CA LYS C 59 17.35 11.95 -4.14
C LYS C 59 18.03 11.29 -5.33
N LEU C 60 18.94 12.02 -5.98
CA LEU C 60 19.71 11.49 -7.09
C LEU C 60 20.64 10.39 -6.62
N ARG C 61 21.15 10.53 -5.40
CA ARG C 61 22.05 9.52 -4.84
C ARG C 61 21.29 8.22 -4.60
N GLU C 62 20.10 8.35 -4.03
CA GLU C 62 19.24 7.21 -3.75
C GLU C 62 18.88 6.50 -5.06
N ARG C 63 18.58 7.27 -6.10
CA ARG C 63 18.26 6.71 -7.41
C ARG C 63 19.42 5.87 -7.91
N PHE C 64 20.64 6.38 -7.73
CA PHE C 64 21.84 5.70 -8.19
C PHE C 64 22.15 4.45 -7.37
N CYS C 65 22.01 4.57 -6.04
CA CYS C 65 22.26 3.44 -5.15
C CYS C 65 21.24 2.32 -5.36
N HIS C 66 19.98 2.70 -5.56
CA HIS C 66 18.92 1.72 -5.80
C HIS C 66 19.18 0.94 -7.08
N ARG C 67 19.57 1.65 -8.13
CA ARG C 67 19.88 1.02 -9.40
C ARG C 67 21.08 0.09 -9.29
N GLN C 68 22.12 0.56 -8.59
CA GLN C 68 23.34 -0.22 -8.42
C GLN C 68 23.04 -1.55 -7.75
N LYS C 69 22.17 -1.52 -6.75
CA LYS C 69 21.77 -2.72 -6.04
C LYS C 69 21.09 -3.71 -6.98
N GLU C 70 20.29 -3.19 -7.91
CA GLU C 70 19.56 -4.00 -8.87
C GLU C 70 20.51 -4.68 -9.85
N VAL C 71 21.42 -3.88 -10.41
CA VAL C 71 22.43 -4.40 -11.34
C VAL C 71 23.31 -5.46 -10.67
N SER C 72 23.68 -5.20 -9.41
CA SER C 72 24.46 -6.16 -8.62
C SER C 72 23.83 -7.54 -8.61
N GLU C 73 22.56 -7.61 -8.24
CA GLU C 73 21.86 -8.88 -8.21
C GLU C 73 21.72 -9.49 -9.60
N GLU C 74 21.70 -8.64 -10.62
CA GLU C 74 21.59 -9.11 -12.00
C GLU C 74 22.92 -9.58 -12.57
N ASN C 75 24.00 -9.28 -11.85
CA ASN C 75 25.34 -9.50 -12.37
C ASN C 75 26.25 -10.11 -11.31
N HIS C 76 25.81 -11.22 -10.72
CA HIS C 76 26.53 -11.93 -9.67
C HIS C 76 27.23 -11.01 -8.69
N ASN C 77 26.49 -10.02 -8.18
CA ASN C 77 26.98 -9.10 -7.16
C ASN C 77 28.15 -8.25 -7.61
N HIS C 78 28.23 -7.99 -8.91
CA HIS C 78 29.21 -7.06 -9.44
C HIS C 78 28.50 -5.98 -10.25
N HIS C 79 28.58 -4.74 -9.78
CA HIS C 79 27.94 -3.65 -10.50
C HIS C 79 28.91 -3.00 -11.47
N ASN C 80 30.18 -3.34 -11.34
CA ASN C 80 31.21 -2.85 -12.27
C ASN C 80 31.19 -1.33 -12.34
N GLU C 81 31.38 -0.69 -11.20
CA GLU C 81 31.48 0.77 -11.18
C GLU C 81 32.84 1.22 -11.70
N ARG C 82 32.82 2.19 -12.61
CA ARG C 82 34.04 2.82 -13.08
C ARG C 82 33.88 4.33 -12.89
N MET C 83 34.97 5.02 -12.61
CA MET C 83 34.94 6.48 -12.62
C MET C 83 35.21 6.92 -14.06
N LEU C 84 34.30 7.70 -14.62
CA LEU C 84 34.40 8.08 -16.02
C LEU C 84 34.01 9.53 -16.25
N PHE C 85 34.54 10.10 -17.31
CA PHE C 85 34.29 11.49 -17.66
C PHE C 85 33.08 11.63 -18.59
N HIS C 86 32.43 12.79 -18.54
CA HIS C 86 31.31 13.10 -19.43
C HIS C 86 31.40 14.52 -19.98
N GLY C 87 31.14 14.67 -21.27
CA GLY C 87 31.09 15.97 -21.91
C GLY C 87 29.85 16.14 -22.76
N SER C 88 29.18 17.28 -22.60
CA SER C 88 28.00 17.63 -23.40
C SER C 88 27.62 19.08 -23.14
N PRO C 89 26.84 19.67 -24.04
CA PRO C 89 26.32 21.03 -23.81
C PRO C 89 25.32 21.10 -22.66
N PHE C 90 25.06 19.97 -22.00
CA PHE C 90 23.96 19.92 -21.05
C PHE C 90 24.43 19.65 -19.63
N ILE C 91 25.63 20.12 -19.31
CA ILE C 91 26.21 19.87 -18.01
C ILE C 91 25.38 20.48 -16.89
N ASN C 92 24.95 21.73 -17.07
CA ASN C 92 24.14 22.39 -16.06
C ASN C 92 22.82 21.67 -15.78
N ALA C 93 22.20 21.14 -16.83
CA ALA C 93 20.96 20.40 -16.67
C ALA C 93 21.19 19.09 -15.91
N ILE C 94 22.33 18.45 -16.18
CA ILE C 94 22.64 17.17 -15.59
C ILE C 94 22.89 17.28 -14.09
N ILE C 95 23.65 18.31 -13.69
CA ILE C 95 23.99 18.49 -12.29
C ILE C 95 22.77 18.79 -11.44
N HIS C 96 21.72 19.34 -12.05
CA HIS C 96 20.48 19.62 -11.32
C HIS C 96 19.45 18.50 -11.39
N LYS C 97 19.39 17.80 -12.53
CA LYS C 97 18.35 16.80 -12.75
C LYS C 97 18.87 15.35 -12.76
N GLY C 98 20.17 15.19 -12.96
CA GLY C 98 20.74 13.87 -13.17
C GLY C 98 20.72 13.53 -14.64
N PHE C 99 21.48 12.50 -15.02
CA PHE C 99 21.46 12.02 -16.38
C PHE C 99 20.08 11.45 -16.69
N ASP C 100 19.57 11.75 -17.89
CA ASP C 100 18.29 11.23 -18.31
C ASP C 100 18.38 10.75 -19.74
N GLU C 101 18.04 9.48 -19.97
CA GLU C 101 18.14 8.87 -21.29
C GLU C 101 17.11 9.43 -22.26
N ARG C 102 16.07 10.04 -21.73
CA ARG C 102 15.04 10.66 -22.57
C ARG C 102 15.62 11.88 -23.27
N HIS C 103 16.69 12.45 -22.72
CA HIS C 103 17.35 13.58 -23.35
C HIS C 103 18.47 13.14 -24.31
N ALA C 104 18.68 11.83 -24.41
CA ALA C 104 19.66 11.31 -25.35
C ALA C 104 19.17 11.48 -26.79
N TYR C 105 20.01 12.05 -27.64
CA TYR C 105 19.65 12.28 -29.03
C TYR C 105 20.58 11.53 -29.98
N ILE C 106 20.57 11.91 -31.27
CA ILE C 106 21.40 11.24 -32.26
C ILE C 106 22.50 12.15 -32.80
N MET C 109 25.85 9.43 -32.98
CA MET C 109 27.09 8.74 -32.65
C MET C 109 27.01 7.26 -33.02
N PHE C 110 26.79 6.41 -32.03
CA PHE C 110 26.62 4.99 -32.24
C PHE C 110 25.51 4.43 -31.35
N GLY C 111 24.41 5.18 -31.27
CA GLY C 111 23.26 4.77 -30.48
C GLY C 111 22.66 5.90 -29.65
N ALA C 112 21.43 5.67 -29.18
CA ALA C 112 20.72 6.68 -28.39
C ALA C 112 20.94 6.48 -26.90
N GLY C 113 22.16 6.74 -26.43
CA GLY C 113 22.49 6.56 -25.04
C GLY C 113 23.30 7.70 -24.46
N ILE C 114 23.82 7.48 -23.25
CA ILE C 114 24.62 8.49 -22.58
C ILE C 114 26.09 8.06 -22.64
N TYR C 115 26.96 8.96 -23.10
CA TYR C 115 28.35 8.60 -23.41
C TYR C 115 29.34 9.05 -22.34
N PHE C 116 30.27 8.16 -22.01
CA PHE C 116 31.31 8.43 -21.03
C PHE C 116 32.66 8.00 -21.59
N ALA C 117 33.74 8.54 -21.04
CA ALA C 117 35.07 8.18 -21.49
C ALA C 117 36.02 7.97 -20.32
N GLU C 118 36.98 7.06 -20.48
CA GLU C 118 38.04 6.88 -19.49
C GLU C 118 39.10 7.96 -19.67
N ASN C 119 39.14 8.54 -20.86
CA ASN C 119 40.05 9.65 -21.16
C ASN C 119 39.31 10.98 -21.17
N SER C 120 39.76 11.91 -20.35
CA SER C 120 39.14 13.23 -20.23
C SER C 120 39.10 13.92 -21.59
N SER C 121 40.17 13.73 -22.36
CA SER C 121 40.34 14.42 -23.63
C SER C 121 39.28 14.01 -24.66
N LYS C 122 38.73 12.80 -24.53
CA LYS C 122 37.66 12.39 -25.42
C LYS C 122 36.33 13.06 -25.05
N SER C 123 36.07 13.21 -23.75
CA SER C 123 34.86 13.91 -23.31
C SER C 123 34.97 15.39 -23.65
N ASN C 124 36.20 15.91 -23.62
CA ASN C 124 36.46 17.29 -24.02
C ASN C 124 36.01 17.56 -25.46
N GLN C 125 36.02 16.53 -26.30
CA GLN C 125 35.57 16.65 -27.68
C GLN C 125 34.06 16.94 -27.78
N TYR C 126 33.33 16.74 -26.69
CA TYR C 126 31.88 16.90 -26.70
C TYR C 126 31.36 18.12 -25.95
N VAL C 127 32.27 18.86 -25.33
CA VAL C 127 31.91 20.07 -24.58
C VAL C 127 31.08 21.06 -25.40
N TYR C 128 31.49 21.29 -26.63
CA TYR C 128 30.77 22.23 -27.49
C TYR C 128 29.88 21.54 -28.51
N GLY C 129 29.57 20.27 -28.25
CA GLY C 129 28.68 19.52 -29.12
C GLY C 129 29.38 18.33 -29.75
N ILE C 130 28.62 17.55 -30.51
CA ILE C 130 29.16 16.42 -31.26
C ILE C 130 30.28 16.86 -32.19
N GLY C 131 31.47 16.30 -32.00
CA GLY C 131 32.62 16.64 -32.82
C GLY C 131 33.14 18.04 -32.54
N GLY C 132 32.93 18.50 -31.31
CA GLY C 132 33.36 19.83 -30.91
C GLY C 132 32.42 20.92 -31.37
N GLY C 133 31.35 20.52 -32.07
CA GLY C 133 30.37 21.46 -32.60
C GLY C 133 31.01 22.56 -33.41
N THR C 134 30.87 23.79 -32.94
CA THR C 134 31.46 24.95 -33.60
C THR C 134 32.36 25.70 -32.64
N GLY C 135 32.79 25.02 -31.59
CA GLY C 135 33.66 25.61 -30.59
C GLY C 135 32.92 26.49 -29.61
N CYS C 136 33.69 27.25 -28.84
CA CYS C 136 33.15 28.25 -27.92
C CYS C 136 32.19 29.20 -28.64
N PRO C 137 31.24 29.77 -27.88
CA PRO C 137 30.24 30.68 -28.46
C PRO C 137 30.83 31.99 -28.97
N THR C 138 31.77 32.57 -28.24
CA THR C 138 32.31 33.88 -28.59
C THR C 138 33.25 33.87 -29.79
N HIS C 139 34.26 33.00 -29.75
CA HIS C 139 35.30 33.01 -30.76
C HIS C 139 35.14 31.93 -31.82
N LYS C 140 34.13 31.07 -31.66
CA LYS C 140 33.83 30.02 -32.63
C LYS C 140 35.05 29.14 -32.84
N ASP C 141 35.74 28.83 -31.75
CA ASP C 141 37.02 28.16 -31.79
C ASP C 141 36.94 26.85 -31.00
N ARG C 142 37.08 25.73 -31.69
CA ARG C 142 37.11 24.45 -31.03
C ARG C 142 38.37 24.28 -30.17
N SER C 143 39.38 25.09 -30.46
CA SER C 143 40.66 25.00 -29.74
C SER C 143 40.94 26.26 -28.91
N CYS C 144 39.90 27.02 -28.62
CA CYS C 144 40.02 28.24 -27.84
C CYS C 144 40.66 27.99 -26.48
N TYR C 145 41.64 28.81 -26.12
CA TYR C 145 42.35 28.66 -24.86
C TYR C 145 41.86 29.66 -23.84
N ILE C 146 40.97 30.54 -24.29
CA ILE C 146 40.41 31.61 -23.46
C ILE C 146 39.17 31.18 -22.68
N CYS C 147 38.18 30.63 -23.39
CA CYS C 147 36.87 30.37 -22.80
C CYS C 147 36.82 29.15 -21.87
N HIS C 148 36.09 29.30 -20.77
CA HIS C 148 35.94 28.26 -19.75
C HIS C 148 35.09 27.09 -20.21
N ARG C 149 35.58 25.86 -19.96
CA ARG C 149 34.82 24.68 -20.30
C ARG C 149 34.40 23.92 -19.05
N GLN C 150 33.39 23.06 -19.18
CA GLN C 150 33.01 22.16 -18.09
C GLN C 150 32.86 20.72 -18.57
N MET C 151 33.32 19.79 -17.75
CA MET C 151 33.06 18.37 -17.95
C MET C 151 32.72 17.77 -16.59
N LEU C 152 32.37 16.49 -16.56
CA LEU C 152 31.99 15.85 -15.32
C LEU C 152 32.81 14.58 -15.09
N PHE C 153 33.14 14.32 -13.83
CA PHE C 153 33.78 13.07 -13.46
C PHE C 153 32.75 12.27 -12.68
N CYS C 154 32.33 11.14 -13.25
CA CYS C 154 31.11 10.44 -12.81
C CYS C 154 31.31 9.00 -12.35
N ARG C 155 30.50 8.58 -11.38
CA ARG C 155 30.38 7.16 -11.04
C ARG C 155 29.39 6.54 -12.01
N VAL C 156 29.83 5.52 -12.72
CA VAL C 156 28.97 4.85 -13.70
C VAL C 156 28.86 3.36 -13.42
N THR C 157 27.62 2.91 -13.25
CA THR C 157 27.31 1.50 -13.10
C THR C 157 27.32 0.80 -14.45
N LEU C 158 28.41 0.12 -14.78
CA LEU C 158 28.52 -0.55 -16.07
C LEU C 158 27.82 -1.92 -16.10
N GLY C 159 27.71 -2.55 -14.94
CA GLY C 159 27.23 -3.92 -14.86
C GLY C 159 28.00 -4.86 -15.77
N LYS C 160 27.29 -5.72 -16.49
CA LYS C 160 27.92 -6.53 -17.52
C LYS C 160 27.85 -5.77 -18.84
N SER C 161 29.01 -5.51 -19.43
CA SER C 161 29.06 -4.71 -20.65
C SER C 161 29.05 -5.56 -21.91
N PHE C 162 28.32 -5.10 -22.92
CA PHE C 162 28.38 -5.75 -24.23
C PHE C 162 29.48 -5.09 -25.04
N LEU C 163 30.36 -5.93 -25.59
CA LEU C 163 31.46 -5.45 -26.41
C LEU C 163 31.10 -5.57 -27.88
N GLN C 164 31.04 -4.43 -28.58
CA GLN C 164 30.77 -4.44 -30.01
C GLN C 164 31.92 -3.78 -30.80
N MET C 168 27.39 -0.04 -35.28
CA MET C 168 26.03 -0.46 -35.02
C MET C 168 25.36 0.48 -34.03
N LYS C 169 24.09 0.79 -34.27
CA LYS C 169 23.36 1.74 -33.44
C LYS C 169 22.30 1.07 -32.56
N MET C 170 22.33 1.38 -31.26
CA MET C 170 21.44 0.73 -30.31
C MET C 170 20.55 1.70 -29.54
N ALA C 171 19.43 1.18 -29.06
CA ALA C 171 18.46 1.96 -28.31
C ALA C 171 18.49 1.57 -26.83
N HIS C 172 19.05 0.39 -26.57
CA HIS C 172 19.12 -0.16 -25.23
C HIS C 172 20.30 -1.12 -25.16
N ALA C 173 20.62 -1.57 -23.95
CA ALA C 173 21.60 -2.64 -23.76
C ALA C 173 21.02 -3.94 -24.29
N PRO C 174 21.87 -4.83 -24.81
CA PRO C 174 21.40 -6.15 -25.23
C PRO C 174 20.93 -6.93 -24.02
N PRO C 175 20.05 -7.93 -24.23
CA PRO C 175 19.59 -8.80 -23.14
C PRO C 175 20.76 -9.41 -22.35
N GLY C 176 20.69 -9.30 -21.03
CA GLY C 176 21.74 -9.83 -20.17
C GLY C 176 22.83 -8.82 -19.86
N HIS C 177 22.68 -7.60 -20.34
CA HIS C 177 23.73 -6.58 -20.18
C HIS C 177 23.21 -5.27 -19.59
N HIS C 178 24.14 -4.40 -19.18
CA HIS C 178 23.77 -3.12 -18.58
C HIS C 178 24.51 -1.94 -19.20
N SER C 179 25.38 -2.19 -20.17
CA SER C 179 26.12 -1.11 -20.83
C SER C 179 26.72 -1.56 -22.16
N VAL C 180 27.15 -0.59 -22.96
CA VAL C 180 27.79 -0.88 -24.24
C VAL C 180 29.16 -0.20 -24.33
N ILE C 181 30.16 -0.95 -24.77
CA ILE C 181 31.49 -0.37 -24.95
C ILE C 181 32.01 -0.54 -26.37
N GLY C 182 32.39 0.57 -26.99
CA GLY C 182 33.17 0.52 -28.22
C GLY C 182 34.64 0.56 -27.81
N ARG C 183 35.36 -0.53 -28.08
CA ARG C 183 36.77 -0.64 -27.69
C ARG C 183 37.69 -0.36 -28.87
N PRO C 184 38.95 0.02 -28.59
CA PRO C 184 39.94 0.28 -29.65
C PRO C 184 40.19 -0.92 -30.53
N SER C 185 40.17 -0.70 -31.85
CA SER C 185 40.47 -1.74 -32.82
C SER C 185 41.29 -1.15 -33.96
N VAL C 186 42.36 -1.83 -34.32
CA VAL C 186 43.28 -1.35 -35.36
C VAL C 186 44.23 -2.46 -35.80
N GLY C 188 39.41 1.39 -37.58
CA GLY C 188 38.69 0.97 -36.39
C GLY C 188 38.49 2.11 -35.41
N LEU C 189 38.41 1.78 -34.12
CA LEU C 189 38.15 2.75 -33.07
C LEU C 189 39.42 3.19 -32.34
N ALA C 190 39.40 4.40 -31.80
CA ALA C 190 40.57 4.98 -31.13
C ALA C 190 40.65 4.62 -29.65
N TYR C 191 39.85 5.33 -28.85
CA TYR C 191 39.86 5.14 -27.40
C TYR C 191 38.49 4.73 -26.89
N ALA C 192 38.48 3.99 -25.79
CA ALA C 192 37.25 3.40 -25.25
C ALA C 192 36.15 4.42 -25.00
N GLU C 193 34.95 4.11 -25.48
CA GLU C 193 33.77 4.88 -25.10
C GLU C 193 32.78 3.95 -24.42
N TYR C 194 32.15 4.45 -23.36
CA TYR C 194 31.21 3.66 -22.57
C TYR C 194 29.83 4.27 -22.69
N VAL C 195 28.82 3.44 -22.91
CA VAL C 195 27.46 3.93 -23.13
C VAL C 195 26.45 3.28 -22.18
N ILE C 196 25.64 4.11 -21.54
CA ILE C 196 24.53 3.60 -20.74
C ILE C 196 23.20 4.13 -21.28
N TYR C 197 22.13 3.39 -21.02
CA TYR C 197 20.83 3.72 -21.56
C TYR C 197 19.83 3.95 -20.43
N ARG C 198 20.36 4.03 -19.21
CA ARG C 198 19.58 4.44 -18.05
C ARG C 198 20.35 5.50 -17.28
N GLY C 199 19.69 6.62 -17.02
CA GLY C 199 20.33 7.76 -16.36
C GLY C 199 20.71 7.50 -14.91
N GLU C 200 19.99 6.57 -14.27
CA GLU C 200 20.25 6.25 -12.88
C GLU C 200 21.52 5.40 -12.71
N GLN C 201 22.08 4.92 -13.82
CA GLN C 201 23.31 4.12 -13.75
C GLN C 201 24.57 4.98 -13.75
N ALA C 202 24.39 6.28 -13.60
CA ALA C 202 25.52 7.20 -13.47
C ALA C 202 25.21 8.32 -12.49
N TYR C 203 26.20 8.69 -11.67
CA TYR C 203 26.07 9.87 -10.81
C TYR C 203 27.12 10.91 -11.19
N PRO C 204 26.68 12.18 -11.37
CA PRO C 204 27.58 13.27 -11.75
C PRO C 204 28.40 13.70 -10.54
N GLU C 205 29.42 12.92 -10.20
CA GLU C 205 30.14 13.09 -8.95
C GLU C 205 30.85 14.44 -8.84
N TYR C 206 31.58 14.81 -9.89
CA TYR C 206 32.43 16.00 -9.82
C TYR C 206 32.20 16.95 -10.99
N LEU C 207 31.94 18.21 -10.68
CA LEU C 207 31.82 19.24 -11.72
C LEU C 207 33.15 19.97 -11.89
N ILE C 208 33.72 19.86 -13.09
CA ILE C 208 35.03 20.45 -13.35
C ILE C 208 34.97 21.62 -14.32
N THR C 209 35.46 22.78 -13.87
CA THR C 209 35.49 23.98 -14.70
C THR C 209 36.93 24.25 -15.09
N TYR C 210 37.19 24.34 -16.40
CA TYR C 210 38.57 24.35 -16.84
C TYR C 210 38.80 25.12 -18.14
N GLN C 211 40.08 25.30 -18.46
CA GLN C 211 40.53 25.80 -19.75
C GLN C 211 41.52 24.79 -20.32
N ILE C 212 41.61 24.73 -21.65
CA ILE C 212 42.72 23.99 -22.26
C ILE C 212 43.89 24.95 -22.38
N MET C 213 45.10 24.45 -22.19
CA MET C 213 46.28 25.30 -22.24
C MET C 213 47.02 25.14 -23.57
N LYS C 214 47.45 26.26 -24.13
CA LYS C 214 48.25 26.22 -25.36
C LYS C 214 49.63 25.62 -25.07
N PRO C 215 50.05 24.66 -25.90
CA PRO C 215 51.35 24.00 -25.71
C PRO C 215 52.50 24.96 -25.94
N ALA D 5 15.93 -18.77 -9.34
CA ALA D 5 16.08 -17.45 -9.92
C ALA D 5 14.73 -16.80 -10.18
N SER D 6 13.73 -17.63 -10.47
CA SER D 6 12.38 -17.12 -10.66
C SER D 6 11.51 -17.51 -9.47
N GLY D 7 11.03 -16.50 -8.76
CA GLY D 7 10.12 -16.71 -7.65
C GLY D 7 8.71 -16.36 -8.06
N THR D 8 8.34 -16.78 -9.27
CA THR D 8 6.98 -16.56 -9.75
C THR D 8 6.07 -17.72 -9.38
N ILE D 9 4.98 -17.42 -8.68
CA ILE D 9 3.99 -18.43 -8.35
C ILE D 9 2.73 -18.13 -9.13
N LEU D 10 2.11 -19.17 -9.69
CA LEU D 10 0.83 -18.99 -10.36
C LEU D 10 -0.34 -19.40 -9.46
N LEU D 11 -1.30 -18.49 -9.35
CA LEU D 11 -2.51 -18.74 -8.58
C LEU D 11 -3.67 -18.92 -9.56
N ASP D 12 -4.18 -20.14 -9.66
CA ASP D 12 -5.35 -20.41 -10.50
C ASP D 12 -6.58 -19.71 -9.94
N LEU D 13 -7.25 -18.93 -10.78
CA LEU D 13 -8.53 -18.32 -10.41
C LEU D 13 -9.65 -19.25 -10.85
N ALA D 14 -10.53 -19.61 -9.93
CA ALA D 14 -11.66 -20.47 -10.26
C ALA D 14 -12.68 -19.67 -11.07
N PRO D 15 -13.35 -20.31 -12.03
CA PRO D 15 -14.37 -19.63 -12.84
C PRO D 15 -15.44 -18.94 -11.99
N GLU D 16 -15.75 -19.51 -10.83
CA GLU D 16 -16.77 -18.95 -9.94
C GLU D 16 -16.27 -17.71 -9.18
N ASP D 17 -14.97 -17.46 -9.23
CA ASP D 17 -14.38 -16.27 -8.62
C ASP D 17 -14.85 -15.04 -9.39
N LYS D 18 -15.05 -13.94 -8.65
CA LYS D 18 -15.49 -12.69 -9.28
C LYS D 18 -14.35 -12.06 -10.03
N GLU D 19 -13.13 -12.15 -9.48
CA GLU D 19 -11.95 -11.62 -10.14
C GLU D 19 -11.73 -12.32 -11.49
N TYR D 20 -12.13 -13.60 -11.56
CA TYR D 20 -12.10 -14.35 -12.81
C TYR D 20 -13.11 -13.76 -13.80
N GLN D 21 -14.33 -13.54 -13.33
CA GLN D 21 -15.39 -13.03 -14.19
C GLN D 21 -15.13 -11.60 -14.64
N SER D 22 -14.51 -10.81 -13.79
CA SER D 22 -14.11 -9.44 -14.14
C SER D 22 -13.10 -9.43 -15.29
N VAL D 23 -12.11 -10.30 -15.21
CA VAL D 23 -11.05 -10.33 -16.21
C VAL D 23 -11.55 -10.82 -17.57
N GLU D 24 -12.37 -11.86 -17.57
CA GLU D 24 -12.91 -12.36 -18.82
C GLU D 24 -13.88 -11.35 -19.44
N GLU D 25 -14.64 -10.65 -18.61
CA GLU D 25 -15.57 -9.62 -19.09
C GLU D 25 -14.83 -8.53 -19.84
N GLU D 26 -13.70 -8.09 -19.30
CA GLU D 26 -12.86 -7.09 -19.95
C GLU D 26 -12.26 -7.62 -21.25
N MET D 27 -11.90 -8.90 -21.25
CA MET D 27 -11.32 -9.52 -22.44
C MET D 27 -12.37 -9.66 -23.54
N GLN D 28 -13.56 -10.14 -23.17
CA GLN D 28 -14.65 -10.31 -24.13
C GLN D 28 -15.18 -8.97 -24.66
N SER D 29 -15.47 -8.04 -23.76
CA SER D 29 -16.14 -6.79 -24.14
C SER D 29 -15.27 -5.82 -24.94
N THR D 30 -13.95 -6.03 -24.94
CA THR D 30 -13.06 -5.13 -25.67
C THR D 30 -12.64 -5.67 -27.05
N ILE D 31 -13.22 -6.79 -27.45
CA ILE D 31 -13.03 -7.29 -28.81
C ILE D 31 -13.54 -6.28 -29.83
N ARG D 32 -12.73 -6.00 -30.85
CA ARG D 32 -13.12 -5.10 -31.94
C ARG D 32 -12.81 -5.73 -33.29
N GLU D 33 -13.58 -5.37 -34.30
CA GLU D 33 -13.25 -5.76 -35.67
C GLU D 33 -12.09 -4.88 -36.11
N HIS D 34 -11.12 -5.47 -36.80
CA HIS D 34 -9.94 -4.74 -37.24
C HIS D 34 -9.93 -4.54 -38.76
N ARG D 35 -9.11 -3.60 -39.23
CA ARG D 35 -9.11 -3.24 -40.64
C ARG D 35 -8.61 -4.36 -41.54
N ASP D 36 -7.85 -5.29 -40.97
CA ASP D 36 -7.27 -6.37 -41.76
C ASP D 36 -8.26 -7.51 -41.98
N GLY D 37 -9.49 -7.33 -41.49
CA GLY D 37 -10.54 -8.32 -41.66
C GLY D 37 -10.24 -9.66 -40.98
N GLY D 38 -9.59 -9.60 -39.83
CA GLY D 38 -9.28 -10.80 -39.07
C GLY D 38 -8.10 -11.57 -39.63
N ASN D 39 -7.26 -10.89 -40.40
CA ASN D 39 -6.10 -11.52 -41.02
C ASN D 39 -5.02 -11.94 -40.03
N ALA D 40 -4.65 -11.02 -39.14
CA ALA D 40 -3.57 -11.25 -38.19
C ALA D 40 -3.99 -12.13 -37.01
N GLY D 41 -5.07 -11.74 -36.35
CA GLY D 41 -5.50 -12.40 -35.13
C GLY D 41 -6.55 -13.47 -35.32
N GLY D 42 -7.15 -13.53 -36.50
CA GLY D 42 -8.19 -14.51 -36.78
C GLY D 42 -9.58 -13.93 -36.81
N ILE D 43 -10.57 -14.76 -37.14
CA ILE D 43 -11.96 -14.32 -37.25
C ILE D 43 -12.85 -14.91 -36.17
N PHE D 44 -13.41 -14.04 -35.33
CA PHE D 44 -14.12 -14.45 -34.13
C PHE D 44 -14.84 -13.29 -33.47
N ASN D 45 -15.84 -13.61 -32.65
CA ASN D 45 -16.54 -12.60 -31.86
C ASN D 45 -16.35 -12.82 -30.36
N ARG D 46 -15.93 -14.03 -30.00
CA ARG D 46 -15.77 -14.40 -28.60
C ARG D 46 -14.54 -15.28 -28.43
N TYR D 47 -13.96 -15.26 -27.23
CA TYR D 47 -12.92 -16.21 -26.89
C TYR D 47 -13.56 -17.36 -26.14
N ASN D 48 -12.86 -18.48 -26.08
CA ASN D 48 -13.14 -19.48 -25.06
C ASN D 48 -12.02 -19.42 -24.05
N VAL D 49 -12.33 -18.92 -22.86
CA VAL D 49 -11.31 -18.76 -21.83
C VAL D 49 -11.11 -20.07 -21.08
N ILE D 50 -9.93 -20.65 -21.23
CA ILE D 50 -9.60 -21.93 -20.63
C ILE D 50 -9.09 -21.74 -19.21
N ARG D 51 -8.22 -20.77 -19.02
CA ARG D 51 -7.58 -20.58 -17.72
C ARG D 51 -7.24 -19.11 -17.48
N ILE D 52 -7.40 -18.67 -16.24
CA ILE D 52 -6.90 -17.36 -15.83
C ILE D 52 -6.12 -17.48 -14.52
N GLN D 53 -4.83 -17.19 -14.58
CA GLN D 53 -3.99 -17.25 -13.40
C GLN D 53 -3.42 -15.89 -13.00
N LYS D 54 -3.44 -15.60 -11.70
CA LYS D 54 -2.72 -14.45 -11.17
C LYS D 54 -1.23 -14.79 -11.07
N VAL D 55 -0.40 -13.89 -11.58
CA VAL D 55 1.04 -14.08 -11.47
C VAL D 55 1.51 -13.48 -10.17
N VAL D 56 2.19 -14.27 -9.36
CA VAL D 56 2.65 -13.81 -8.06
C VAL D 56 4.18 -13.86 -7.96
N ASN D 57 4.78 -12.69 -7.78
CA ASN D 57 6.23 -12.55 -7.72
C ASN D 57 6.61 -11.33 -6.88
N LYS D 58 7.09 -11.61 -5.66
CA LYS D 58 7.43 -10.57 -4.69
C LYS D 58 8.42 -9.52 -5.22
N LYS D 59 9.57 -9.96 -5.71
CA LYS D 59 10.61 -9.03 -6.16
C LYS D 59 10.13 -8.21 -7.34
N LEU D 60 9.35 -8.84 -8.22
CA LEU D 60 8.80 -8.17 -9.39
C LEU D 60 7.81 -7.09 -8.98
N ARG D 61 7.04 -7.37 -7.92
CA ARG D 61 6.05 -6.42 -7.42
C ARG D 61 6.73 -5.18 -6.85
N GLU D 62 7.84 -5.38 -6.16
CA GLU D 62 8.58 -4.29 -5.54
C GLU D 62 9.27 -3.41 -6.58
N ARG D 63 9.71 -4.02 -7.68
CA ARG D 63 10.29 -3.23 -8.77
C ARG D 63 9.22 -2.32 -9.35
N PHE D 64 8.04 -2.89 -9.57
CA PHE D 64 6.92 -2.15 -10.14
C PHE D 64 6.45 -1.03 -9.21
N CYS D 65 6.39 -1.32 -7.91
CA CYS D 65 5.98 -0.33 -6.92
C CYS D 65 6.98 0.80 -6.82
N HIS D 66 8.27 0.46 -6.81
CA HIS D 66 9.33 1.46 -6.75
C HIS D 66 9.26 2.41 -7.95
N ARG D 67 9.06 1.85 -9.14
CA ARG D 67 8.95 2.67 -10.35
C ARG D 67 7.69 3.53 -10.32
N GLN D 68 6.59 2.96 -9.82
CA GLN D 68 5.35 3.69 -9.70
C GLN D 68 5.52 4.92 -8.80
N LYS D 69 6.24 4.74 -7.68
CA LYS D 69 6.57 5.85 -6.80
C LYS D 69 7.33 6.95 -7.53
N GLU D 70 8.30 6.53 -8.35
CA GLU D 70 9.14 7.46 -9.10
C GLU D 70 8.31 8.28 -10.08
N VAL D 71 7.41 7.60 -10.79
CA VAL D 71 6.59 8.28 -11.79
C VAL D 71 5.63 9.29 -11.14
N SER D 72 5.04 8.90 -10.00
CA SER D 72 4.17 9.80 -9.24
C SER D 72 4.82 11.16 -8.99
N GLU D 73 6.00 11.16 -8.39
CA GLU D 73 6.70 12.40 -8.09
C GLU D 73 7.05 13.21 -9.34
N GLU D 74 7.30 12.53 -10.45
CA GLU D 74 7.61 13.21 -11.71
C GLU D 74 6.37 13.79 -12.37
N ASN D 75 5.20 13.31 -11.96
CA ASN D 75 3.95 13.63 -12.64
C ASN D 75 2.87 14.08 -11.66
N HIS D 76 3.24 14.95 -10.74
CA HIS D 76 2.32 15.51 -9.74
C HIS D 76 1.48 14.46 -9.02
N ASN D 77 2.14 13.38 -8.61
CA ASN D 77 1.51 12.30 -7.86
C ASN D 77 0.41 11.58 -8.63
N HIS D 78 0.59 11.52 -9.95
CA HIS D 78 -0.28 10.70 -10.81
C HIS D 78 0.57 9.76 -11.64
N HIS D 79 0.55 8.48 -11.29
CA HIS D 79 1.30 7.50 -12.06
C HIS D 79 0.50 7.04 -13.27
N ASN D 80 -0.79 7.37 -13.28
CA ASN D 80 -1.68 7.05 -14.39
C ASN D 80 -1.63 5.57 -14.76
N GLU D 81 -2.15 4.73 -13.88
CA GLU D 81 -2.18 3.30 -14.14
C GLU D 81 -3.37 2.94 -15.01
N ARG D 82 -3.16 2.00 -15.93
CA ARG D 82 -4.25 1.47 -16.74
C ARG D 82 -4.09 -0.04 -16.80
N MET D 83 -5.21 -0.76 -16.83
CA MET D 83 -5.17 -2.19 -17.05
C MET D 83 -5.19 -2.48 -18.55
N LEU D 84 -4.08 -2.95 -19.09
CA LEU D 84 -3.96 -3.16 -20.53
C LEU D 84 -3.53 -4.58 -20.88
N PHE D 85 -3.84 -5.00 -22.10
CA PHE D 85 -3.48 -6.33 -22.57
C PHE D 85 -2.12 -6.32 -23.26
N HIS D 86 -1.44 -7.45 -23.22
CA HIS D 86 -0.18 -7.63 -23.95
C HIS D 86 -0.16 -8.96 -24.72
N GLY D 87 0.30 -8.90 -25.96
CA GLY D 87 0.47 -10.08 -26.77
C GLY D 87 1.84 -10.14 -27.42
N SER D 88 2.50 -11.29 -27.32
CA SER D 88 3.78 -11.54 -27.97
C SER D 88 4.10 -13.02 -27.80
N PRO D 89 5.06 -13.54 -28.59
CA PRO D 89 5.50 -14.93 -28.43
C PRO D 89 6.28 -15.20 -27.14
N PHE D 90 6.34 -14.21 -26.24
CA PHE D 90 7.26 -14.31 -25.11
C PHE D 90 6.60 -14.28 -23.75
N ILE D 91 5.35 -14.72 -23.69
CA ILE D 91 4.58 -14.63 -22.46
C ILE D 91 5.22 -15.40 -21.30
N ASN D 92 5.68 -16.62 -21.57
CA ASN D 92 6.32 -17.44 -20.54
C ASN D 92 7.57 -16.78 -19.93
N ALA D 93 8.35 -16.12 -20.77
CA ALA D 93 9.54 -15.43 -20.29
C ALA D 93 9.14 -14.23 -19.42
N ILE D 94 8.06 -13.57 -19.81
CA ILE D 94 7.59 -12.38 -19.12
C ILE D 94 7.08 -12.71 -17.71
N ILE D 95 6.33 -13.79 -17.59
CA ILE D 95 5.74 -14.14 -16.30
C ILE D 95 6.80 -14.58 -15.29
N HIS D 96 7.92 -15.10 -15.78
CA HIS D 96 9.01 -15.53 -14.89
C HIS D 96 10.03 -14.43 -14.56
N LYS D 97 10.27 -13.51 -15.50
CA LYS D 97 11.30 -12.49 -15.30
C LYS D 97 10.83 -11.03 -15.39
N GLY D 98 9.58 -10.83 -15.79
CA GLY D 98 9.05 -9.50 -15.95
C GLY D 98 9.28 -8.97 -17.35
N PHE D 99 8.57 -7.89 -17.70
CA PHE D 99 8.83 -7.22 -18.98
C PHE D 99 10.24 -6.62 -18.99
N ASP D 100 10.93 -6.76 -20.11
CA ASP D 100 12.28 -6.24 -20.23
C ASP D 100 12.47 -5.51 -21.56
N GLU D 101 12.75 -4.22 -21.49
CA GLU D 101 12.94 -3.40 -22.68
C GLU D 101 14.17 -3.84 -23.50
N ARG D 102 15.07 -4.59 -22.86
CA ARG D 102 16.24 -5.11 -23.56
C ARG D 102 15.83 -6.21 -24.54
N HIS D 103 14.66 -6.78 -24.35
CA HIS D 103 14.13 -7.79 -25.28
C HIS D 103 13.24 -7.20 -26.36
N ALA D 104 13.04 -5.89 -26.34
CA ALA D 104 12.27 -5.22 -27.38
C ALA D 104 13.00 -5.28 -28.71
N TYR D 105 12.40 -5.97 -29.67
CA TYR D 105 12.97 -6.00 -31.01
C TYR D 105 12.21 -5.07 -31.95
N ILE D 106 12.30 -5.35 -33.25
CA ILE D 106 11.82 -4.43 -34.27
C ILE D 106 11.02 -5.14 -35.36
N MET D 109 8.15 -2.19 -36.14
CA MET D 109 6.95 -1.78 -35.42
C MET D 109 6.79 -0.26 -35.48
N PHE D 110 6.80 0.39 -34.32
CA PHE D 110 6.72 1.84 -34.26
C PHE D 110 7.66 2.36 -33.18
N GLY D 111 8.66 1.54 -32.85
CA GLY D 111 9.65 1.87 -31.85
C GLY D 111 10.25 0.64 -31.20
N ALA D 112 11.22 0.84 -30.32
CA ALA D 112 11.84 -0.27 -29.61
C ALA D 112 11.31 -0.35 -28.19
N GLY D 113 10.00 -0.57 -28.06
CA GLY D 113 9.35 -0.57 -26.77
C GLY D 113 8.45 -1.76 -26.52
N ILE D 114 7.70 -1.69 -25.43
CA ILE D 114 6.81 -2.78 -25.03
C ILE D 114 5.35 -2.33 -25.24
N TYR D 115 4.63 -3.09 -26.06
CA TYR D 115 3.33 -2.62 -26.57
C TYR D 115 2.13 -3.21 -25.84
N PHE D 116 1.15 -2.36 -25.58
CA PHE D 116 -0.06 -2.76 -24.88
C PHE D 116 -1.30 -2.25 -25.60
N ALA D 117 -2.44 -2.87 -25.31
CA ALA D 117 -3.70 -2.49 -25.93
C ALA D 117 -4.83 -2.49 -24.92
N GLU D 118 -5.75 -1.54 -25.06
CA GLU D 118 -6.98 -1.56 -24.27
C GLU D 118 -7.96 -2.56 -24.87
N ASN D 119 -7.76 -2.88 -26.14
CA ASN D 119 -8.56 -3.89 -26.82
C ASN D 119 -7.83 -5.22 -26.88
N SER D 120 -8.37 -6.22 -26.18
CA SER D 120 -7.79 -7.56 -26.15
C SER D 120 -7.54 -8.13 -27.54
N SER D 121 -8.44 -7.83 -28.47
CA SER D 121 -8.35 -8.37 -29.82
C SER D 121 -7.16 -7.83 -30.61
N LYS D 122 -6.67 -6.66 -30.25
CA LYS D 122 -5.46 -6.13 -30.89
C LYS D 122 -4.20 -6.82 -30.36
N SER D 123 -4.20 -7.14 -29.06
CA SER D 123 -3.10 -7.92 -28.49
C SER D 123 -3.10 -9.34 -29.04
N ASN D 124 -4.29 -9.85 -29.36
CA ASN D 124 -4.42 -11.20 -29.94
C ASN D 124 -3.69 -11.29 -31.28
N GLN D 125 -3.55 -10.16 -31.96
CA GLN D 125 -2.87 -10.09 -33.25
C GLN D 125 -1.37 -10.36 -33.16
N TYR D 126 -0.80 -10.31 -31.95
CA TYR D 126 0.64 -10.43 -31.77
C TYR D 126 1.07 -11.75 -31.14
N VAL D 127 0.09 -12.56 -30.74
CA VAL D 127 0.33 -13.84 -30.08
C VAL D 127 1.26 -14.74 -30.89
N TYR D 128 1.03 -14.80 -32.19
CA TYR D 128 1.84 -15.64 -33.06
C TYR D 128 2.91 -14.83 -33.79
N GLY D 129 3.06 -13.57 -33.42
CA GLY D 129 4.08 -12.71 -33.98
C GLY D 129 3.51 -11.43 -34.58
N ILE D 130 4.40 -10.61 -35.13
CA ILE D 130 4.00 -9.41 -35.86
C ILE D 130 3.12 -9.80 -37.05
N GLY D 131 1.95 -9.18 -37.14
CA GLY D 131 0.99 -9.52 -38.17
C GLY D 131 0.35 -10.87 -37.95
N GLY D 132 0.60 -11.44 -36.78
CA GLY D 132 0.10 -12.76 -36.43
C GLY D 132 1.00 -13.89 -36.92
N GLY D 133 2.22 -13.54 -37.33
CA GLY D 133 3.17 -14.51 -37.85
C GLY D 133 2.54 -15.36 -38.95
N THR D 134 2.86 -16.65 -38.96
CA THR D 134 2.15 -17.59 -39.82
C THR D 134 1.20 -18.46 -39.01
N GLY D 135 0.62 -17.86 -37.97
CA GLY D 135 -0.36 -18.53 -37.14
C GLY D 135 0.22 -19.60 -36.24
N CYS D 136 -0.64 -20.48 -35.76
CA CYS D 136 -0.23 -21.56 -34.86
C CYS D 136 0.88 -22.42 -35.47
N PRO D 137 1.65 -23.12 -34.63
CA PRO D 137 2.72 -24.00 -35.11
C PRO D 137 2.20 -25.17 -35.91
N THR D 138 1.22 -25.88 -35.35
CA THR D 138 0.70 -27.12 -35.94
C THR D 138 -0.04 -26.92 -37.25
N HIS D 139 -0.93 -25.94 -37.31
CA HIS D 139 -1.79 -25.81 -38.48
C HIS D 139 -1.43 -24.63 -39.39
N LYS D 140 -0.45 -23.82 -38.99
CA LYS D 140 -0.07 -22.63 -39.75
C LYS D 140 -1.30 -21.77 -40.04
N ASP D 141 -2.14 -21.58 -39.03
CA ASP D 141 -3.42 -20.92 -39.21
C ASP D 141 -3.53 -19.75 -38.25
N ARG D 142 -3.55 -18.53 -38.79
CA ARG D 142 -3.71 -17.35 -37.96
C ARG D 142 -5.11 -17.27 -37.35
N SER D 143 -6.04 -18.04 -37.92
CA SER D 143 -7.40 -18.05 -37.38
C SER D 143 -7.79 -19.42 -36.83
N CYS D 144 -6.80 -20.17 -36.37
CA CYS D 144 -7.06 -21.51 -35.83
C CYS D 144 -7.91 -21.45 -34.57
N TYR D 145 -8.92 -22.31 -34.51
CA TYR D 145 -9.83 -22.36 -33.38
C TYR D 145 -9.50 -23.51 -32.44
N ILE D 146 -8.50 -24.27 -32.82
CA ILE D 146 -8.09 -25.44 -32.06
C ILE D 146 -7.00 -25.13 -31.05
N CYS D 147 -5.90 -24.55 -31.52
CA CYS D 147 -4.73 -24.35 -30.67
C CYS D 147 -4.92 -23.28 -29.59
N HIS D 148 -4.39 -23.55 -28.41
CA HIS D 148 -4.48 -22.65 -27.27
C HIS D 148 -3.62 -21.40 -27.44
N ARG D 149 -4.15 -20.25 -27.06
CA ARG D 149 -3.36 -19.02 -27.06
C ARG D 149 -3.21 -18.47 -25.64
N GLN D 150 -2.27 -17.56 -25.46
CA GLN D 150 -2.12 -16.86 -24.19
C GLN D 150 -1.88 -15.37 -24.40
N MET D 151 -2.45 -14.56 -23.51
CA MET D 151 -2.14 -13.13 -23.46
C MET D 151 -2.09 -12.72 -22.00
N LEU D 152 -1.78 -11.47 -21.75
CA LEU D 152 -1.65 -10.98 -20.38
C LEU D 152 -2.53 -9.77 -20.16
N PHE D 153 -3.15 -9.70 -19.00
CA PHE D 153 -3.81 -8.48 -18.56
C PHE D 153 -2.88 -7.86 -17.52
N CYS D 154 -2.44 -6.64 -17.79
CA CYS D 154 -1.35 -6.03 -17.02
C CYS D 154 -1.66 -4.66 -16.42
N ARG D 155 -1.06 -4.39 -15.27
CA ARG D 155 -1.00 -3.02 -14.74
C ARG D 155 0.11 -2.28 -15.45
N VAL D 156 -0.19 -1.11 -15.99
CA VAL D 156 0.82 -0.36 -16.72
C VAL D 156 0.87 1.08 -16.25
N THR D 157 2.02 1.47 -15.74
CA THR D 157 2.27 2.84 -15.29
C THR D 157 2.54 3.71 -16.51
N LEU D 158 1.55 4.51 -16.90
CA LEU D 158 1.67 5.33 -18.10
C LEU D 158 2.31 6.68 -17.85
N GLY D 159 2.23 7.16 -16.60
CA GLY D 159 2.68 8.48 -16.26
C GLY D 159 2.06 9.56 -17.11
N LYS D 160 2.86 10.56 -17.48
CA LYS D 160 2.44 11.51 -18.51
C LYS D 160 2.78 10.92 -19.87
N SER D 161 1.75 10.65 -20.65
CA SER D 161 1.93 9.97 -21.93
C SER D 161 2.16 10.96 -23.08
N PHE D 162 3.02 10.57 -24.02
CA PHE D 162 3.20 11.39 -25.20
C PHE D 162 2.32 10.92 -26.34
N LEU D 163 1.57 11.85 -26.90
CA LEU D 163 0.62 11.56 -27.97
C LEU D 163 1.21 11.89 -29.33
N GLN D 164 1.35 10.87 -30.18
CA GLN D 164 1.81 11.08 -31.54
C GLN D 164 0.92 10.35 -32.54
N MET D 168 6.12 8.22 -36.18
CA MET D 168 7.55 7.96 -36.22
C MET D 168 7.93 6.84 -35.25
N LYS D 169 9.23 6.57 -35.13
CA LYS D 169 9.74 5.55 -34.22
C LYS D 169 10.71 6.17 -33.22
N MET D 170 10.75 5.64 -32.01
CA MET D 170 11.63 6.17 -30.97
C MET D 170 12.15 5.12 -29.98
N ALA D 171 13.22 5.49 -29.28
CA ALA D 171 13.97 4.56 -28.43
C ALA D 171 13.57 4.71 -26.98
N HIS D 172 12.89 5.81 -26.68
CA HIS D 172 12.55 6.16 -25.32
C HIS D 172 11.38 7.11 -25.35
N ALA D 173 10.75 7.32 -24.20
CA ALA D 173 9.72 8.33 -24.06
C ALA D 173 10.36 9.70 -24.19
N PRO D 174 9.65 10.66 -24.81
CA PRO D 174 10.13 12.04 -24.89
C PRO D 174 10.36 12.59 -23.49
N PRO D 175 11.26 13.58 -23.37
CA PRO D 175 11.53 14.23 -22.08
C PRO D 175 10.26 14.74 -21.39
N GLY D 176 10.13 14.47 -20.10
CA GLY D 176 8.96 14.86 -19.34
C GLY D 176 7.84 13.84 -19.44
N HIS D 177 8.11 12.72 -20.09
CA HIS D 177 7.08 11.71 -20.29
C HIS D 177 7.51 10.32 -19.82
N HIS D 178 6.54 9.42 -19.68
CA HIS D 178 6.80 8.09 -19.15
C HIS D 178 6.21 7.01 -20.05
N SER D 179 5.60 7.43 -21.15
CA SER D 179 4.99 6.50 -22.09
C SER D 179 4.63 7.19 -23.41
N VAL D 180 4.38 6.38 -24.42
CA VAL D 180 3.99 6.85 -25.75
C VAL D 180 2.68 6.20 -26.17
N ILE D 181 1.71 7.01 -26.57
CA ILE D 181 0.42 6.47 -27.00
C ILE D 181 0.10 6.77 -28.46
N GLY D 182 -0.16 5.72 -29.23
CA GLY D 182 -0.70 5.89 -30.56
C GLY D 182 -2.20 6.02 -30.46
N ARG D 183 -2.73 7.15 -30.88
CA ARG D 183 -4.17 7.42 -30.81
C ARG D 183 -4.79 7.32 -32.20
N PRO D 184 -6.09 6.94 -32.26
CA PRO D 184 -6.80 6.86 -33.55
C PRO D 184 -6.86 8.21 -34.26
N SER D 185 -6.78 8.18 -35.59
CA SER D 185 -6.83 9.39 -36.39
C SER D 185 -7.59 9.15 -37.69
N ASN D 187 -8.22 8.26 -41.14
CA ASN D 187 -6.95 8.41 -41.84
C ASN D 187 -5.78 8.40 -40.87
N GLY D 188 -5.72 7.37 -40.03
CA GLY D 188 -4.67 7.23 -39.04
C GLY D 188 -4.66 5.84 -38.41
N LEU D 189 -4.48 5.81 -37.09
CA LEU D 189 -4.48 4.54 -36.34
C LEU D 189 -5.90 4.01 -36.11
N ALA D 190 -6.04 2.69 -36.13
CA ALA D 190 -7.33 2.04 -35.92
C ALA D 190 -7.72 2.05 -34.44
N TYR D 191 -6.80 1.60 -33.59
CA TYR D 191 -7.07 1.50 -32.16
C TYR D 191 -5.87 1.93 -31.32
N ALA D 192 -6.15 2.42 -30.11
CA ALA D 192 -5.11 2.92 -29.22
C ALA D 192 -4.03 1.89 -28.90
N GLU D 193 -2.78 2.23 -29.18
CA GLU D 193 -1.65 1.44 -28.72
C GLU D 193 -0.89 2.21 -27.65
N TYR D 194 -0.41 1.49 -26.64
CA TYR D 194 0.29 2.10 -25.53
C TYR D 194 1.70 1.54 -25.44
N VAL D 195 2.70 2.40 -25.43
CA VAL D 195 4.09 1.95 -25.44
C VAL D 195 4.90 2.46 -24.25
N ILE D 196 5.56 1.55 -23.56
CA ILE D 196 6.50 1.92 -22.50
C ILE D 196 7.91 1.43 -22.85
N TYR D 197 8.91 2.09 -22.28
CA TYR D 197 10.29 1.79 -22.63
C TYR D 197 11.10 1.40 -21.39
N ARG D 198 10.37 1.16 -20.31
CA ARG D 198 10.95 0.55 -19.11
C ARG D 198 10.06 -0.62 -18.70
N GLY D 199 10.65 -1.79 -18.58
CA GLY D 199 9.93 -3.01 -18.26
C GLY D 199 9.28 -2.99 -16.87
N GLU D 200 9.86 -2.22 -15.96
CA GLU D 200 9.32 -2.13 -14.61
C GLU D 200 8.05 -1.26 -14.55
N GLN D 201 7.65 -0.70 -15.68
CA GLN D 201 6.44 0.12 -15.72
C GLN D 201 5.21 -0.70 -16.09
N ALA D 202 5.35 -2.01 -16.07
CA ALA D 202 4.23 -2.91 -16.31
C ALA D 202 4.39 -4.16 -15.47
N TYR D 203 3.30 -4.59 -14.84
CA TYR D 203 3.30 -5.86 -14.12
C TYR D 203 2.34 -6.85 -14.80
N PRO D 204 2.85 -8.06 -15.11
CA PRO D 204 2.04 -9.07 -15.81
C PRO D 204 1.00 -9.68 -14.87
N GLU D 205 -0.04 -8.91 -14.57
CA GLU D 205 -0.99 -9.26 -13.51
C GLU D 205 -1.68 -10.60 -13.71
N TYR D 206 -2.22 -10.83 -14.90
CA TYR D 206 -3.05 -11.99 -15.19
C TYR D 206 -2.57 -12.74 -16.42
N LEU D 207 -2.39 -14.05 -16.28
CA LEU D 207 -2.05 -14.89 -17.42
C LEU D 207 -3.31 -15.59 -17.93
N ILE D 208 -3.72 -15.21 -19.14
CA ILE D 208 -4.95 -15.72 -19.74
C ILE D 208 -4.68 -16.77 -20.82
N THR D 209 -5.24 -17.96 -20.62
CA THR D 209 -5.09 -19.04 -21.59
C THR D 209 -6.41 -19.24 -22.31
N TYR D 210 -6.39 -19.26 -23.64
CA TYR D 210 -7.66 -19.20 -24.37
C TYR D 210 -7.65 -19.77 -25.78
N GLN D 211 -8.84 -19.83 -26.37
CA GLN D 211 -9.04 -20.15 -27.78
C GLN D 211 -9.95 -19.07 -28.36
N ILE D 212 -9.82 -18.81 -29.66
CA ILE D 212 -10.80 -17.99 -30.35
C ILE D 212 -11.94 -18.90 -30.82
N MET D 213 -13.15 -18.36 -30.86
CA MET D 213 -14.31 -19.17 -31.24
C MET D 213 -14.82 -18.86 -32.64
N LYS D 214 -15.06 -19.91 -33.41
CA LYS D 214 -15.64 -19.75 -34.74
C LYS D 214 -17.05 -19.17 -34.62
N PRO D 215 -17.32 -18.07 -35.34
CA PRO D 215 -18.60 -17.37 -35.29
C PRO D 215 -19.75 -18.25 -35.75
#